data_7FT1
#
_entry.id   7FT1
#
_cell.length_a   80.643
_cell.length_b   49.308
_cell.length_c   115.092
_cell.angle_alpha   90.000
_cell.angle_beta   95.140
_cell.angle_gamma   90.000
#
_symmetry.space_group_name_H-M   'P 1 21 1'
#
loop_
_entity.id
_entity.type
_entity.pdbx_description
1 polymer Syntenin-1
2 non-polymer 1,2-ETHANEDIOL
3 non-polymer 'D-GLUTAMIC ACID'
4 non-polymer (3P)-3-(2H-1,3-benzodioxol-5-yl)-1H-pyrazole
5 non-polymer GLYCINE
6 non-polymer 'SULFATE ION'
7 non-polymer ALANINE
8 water water
#
_entity_poly.entity_id   1
_entity_poly.type   'polypeptide(L)'
_entity_poly.pdbx_seq_one_letter_code
;SMAEIKQGIREVILCKDQDGKIGLRLKSIDNGIFVQLVQANSPASLVGLRFGDQVLQINGENCAGWSSDKAHKVLKQAFG
EKITMTIRDRPFERTITMHKDSTGHVGFIFKNGKITSIVKDSSAARNGLLTEHNICEINGQNVIGLKDSQIADILSTSGT
VVTITIMPAFIFEHIIKRMAPSIMKSLMDHTIPEV
;
_entity_poly.pdbx_strand_id   A,B,C,D
#
# COMPACT_ATOMS: atom_id res chain seq x y z
N ILE A 5 -5.40 16.03 22.90
CA ILE A 5 -5.68 14.72 22.21
C ILE A 5 -6.61 13.92 23.14
N LYS A 6 -7.88 13.73 22.74
CA LYS A 6 -8.92 12.92 23.43
C LYS A 6 -8.55 11.43 23.36
N GLN A 7 -8.99 10.66 24.37
CA GLN A 7 -8.65 9.21 24.56
C GLN A 7 -9.75 8.34 23.92
N GLY A 8 -10.17 8.70 22.71
CA GLY A 8 -10.43 7.71 21.66
C GLY A 8 -11.34 8.22 20.57
N ILE A 9 -12.47 7.54 20.48
CA ILE A 9 -13.32 7.42 19.28
C ILE A 9 -14.56 8.25 19.53
N ARG A 10 -14.96 9.08 18.57
CA ARG A 10 -16.23 9.85 18.60
C ARG A 10 -16.91 9.72 17.22
N GLU A 11 -18.19 10.06 17.17
CA GLU A 11 -18.97 10.10 15.92
C GLU A 11 -19.26 11.56 15.61
N VAL A 12 -19.02 11.98 14.37
CA VAL A 12 -19.41 13.32 13.89
C VAL A 12 -20.50 13.11 12.82
N ILE A 13 -21.44 14.03 12.72
CA ILE A 13 -22.40 13.98 11.60
C ILE A 13 -22.14 15.19 10.73
N LEU A 14 -21.95 14.93 9.45
CA LEU A 14 -21.45 15.89 8.44
C LEU A 14 -22.56 16.14 7.45
N CYS A 15 -22.55 17.32 6.84
CA CYS A 15 -23.56 17.79 5.88
C CYS A 15 -22.87 18.50 4.72
N LYS A 16 -22.93 17.98 3.49
CA LYS A 16 -22.29 18.62 2.30
C LYS A 16 -22.82 20.03 2.12
N ASP A 17 -21.99 21.01 1.75
CA ASP A 17 -22.46 22.40 1.53
C ASP A 17 -23.30 22.39 0.24
N GLN A 18 -23.77 23.56 -0.20
CA GLN A 18 -24.65 23.70 -1.38
C GLN A 18 -23.90 23.26 -2.63
N ASP A 19 -22.57 23.46 -2.66
CA ASP A 19 -21.67 23.07 -3.78
C ASP A 19 -21.29 21.59 -3.70
N GLY A 20 -21.78 20.85 -2.71
CA GLY A 20 -21.53 19.40 -2.58
C GLY A 20 -20.15 19.07 -2.02
N LYS A 21 -19.54 20.02 -1.30
CA LYS A 21 -18.19 19.92 -0.68
C LYS A 21 -18.33 19.58 0.80
N ILE A 22 -17.33 18.93 1.41
CA ILE A 22 -17.30 18.74 2.91
C ILE A 22 -16.08 19.44 3.47
N GLY A 23 -15.03 19.64 2.69
CA GLY A 23 -13.86 20.42 3.11
C GLY A 23 -12.66 19.56 3.49
N LEU A 24 -12.53 18.37 2.90
CA LEU A 24 -11.64 17.31 3.40
C LEU A 24 -10.79 16.70 2.28
N ARG A 25 -9.48 16.55 2.52
CA ARG A 25 -8.63 15.57 1.78
C ARG A 25 -8.13 14.53 2.80
N LEU A 26 -8.09 13.28 2.37
CA LEU A 26 -7.77 12.10 3.21
C LEU A 26 -6.55 11.42 2.61
N LYS A 27 -5.76 10.78 3.45
CA LYS A 27 -4.51 10.07 3.07
C LYS A 27 -4.52 8.67 3.73
N SER A 28 -4.21 7.63 2.95
CA SER A 28 -3.97 6.25 3.43
C SER A 28 -2.61 6.21 4.14
N ILE A 29 -2.58 5.85 5.43
CA ILE A 29 -1.33 5.64 6.24
C ILE A 29 -1.44 4.30 6.98
N ASP A 30 -0.50 3.39 6.75
CA ASP A 30 -0.50 2.08 7.48
C ASP A 30 -1.93 1.50 7.55
N ASN A 31 -2.62 1.42 6.42
CA ASN A 31 -3.93 0.71 6.26
C ASN A 31 -5.04 1.34 7.09
N GLY A 32 -4.85 2.60 7.51
CA GLY A 32 -5.92 3.47 8.00
C GLY A 32 -6.07 4.67 7.08
N ILE A 33 -7.06 5.48 7.36
CA ILE A 33 -7.29 6.73 6.61
C ILE A 33 -7.19 7.91 7.58
N PHE A 34 -6.47 8.94 7.19
CA PHE A 34 -6.15 10.11 8.04
C PHE A 34 -6.49 11.41 7.30
N VAL A 35 -6.90 12.43 8.08
CA VAL A 35 -7.18 13.80 7.56
C VAL A 35 -5.83 14.43 7.20
N GLN A 36 -5.63 14.70 5.90
CA GLN A 36 -4.50 15.49 5.33
C GLN A 36 -4.82 16.99 5.31
N LEU A 37 -6.07 17.39 5.04
CA LEU A 37 -6.49 18.82 4.88
C LEU A 37 -7.92 19.00 5.39
N VAL A 38 -8.12 20.00 6.25
CA VAL A 38 -9.45 20.60 6.52
C VAL A 38 -9.50 22.02 5.92
N GLN A 39 -10.43 22.24 4.98
CA GLN A 39 -10.73 23.56 4.39
C GLN A 39 -11.51 24.38 5.44
N ALA A 40 -11.09 25.63 5.62
CA ALA A 40 -11.77 26.70 6.39
C ALA A 40 -13.21 26.83 5.89
N ASN A 41 -14.15 27.18 6.77
CA ASN A 41 -15.57 27.46 6.38
C ASN A 41 -16.09 26.26 5.60
N SER A 42 -15.82 25.05 6.07
CA SER A 42 -16.35 23.82 5.45
C SER A 42 -17.15 23.07 6.50
N PRO A 43 -18.01 22.13 6.06
CA PRO A 43 -18.72 21.27 7.00
C PRO A 43 -17.75 20.54 7.96
N ALA A 44 -16.58 20.15 7.44
CA ALA A 44 -15.55 19.42 8.22
C ALA A 44 -15.03 20.28 9.37
N SER A 45 -14.65 21.53 9.12
CA SER A 45 -14.24 22.50 10.18
C SER A 45 -15.35 22.70 11.21
N LEU A 46 -16.59 22.94 10.78
CA LEU A 46 -17.73 23.20 11.68
C LEU A 46 -17.85 22.05 12.66
N VAL A 47 -17.79 20.81 12.18
CA VAL A 47 -18.04 19.65 13.07
C VAL A 47 -16.78 19.35 13.87
N GLY A 48 -15.67 20.02 13.56
CA GLY A 48 -14.46 19.92 14.39
C GLY A 48 -13.49 18.85 13.94
N LEU A 49 -13.47 18.47 12.67
CA LEU A 49 -12.42 17.58 12.11
C LEU A 49 -11.09 18.35 12.11
N ARG A 50 -10.00 17.61 12.35
CA ARG A 50 -8.61 18.14 12.55
C ARG A 50 -7.63 17.39 11.66
N PHE A 51 -6.58 18.10 11.21
CA PHE A 51 -5.36 17.46 10.67
C PHE A 51 -4.95 16.30 11.58
N GLY A 52 -4.62 15.16 10.94
CA GLY A 52 -4.10 13.94 11.59
C GLY A 52 -5.16 13.05 12.21
N ASP A 53 -6.42 13.49 12.22
CA ASP A 53 -7.53 12.65 12.71
C ASP A 53 -7.56 11.33 11.91
N GLN A 54 -7.93 10.24 12.56
CA GLN A 54 -8.18 8.98 11.86
C GLN A 54 -9.69 8.83 11.60
N VAL A 55 -10.02 8.51 10.35
CA VAL A 55 -11.42 8.13 9.98
C VAL A 55 -11.51 6.61 10.02
N LEU A 56 -12.22 6.05 11.02
CA LEU A 56 -12.38 4.59 11.22
C LEU A 56 -13.47 4.12 10.26
N GLN A 57 -14.59 4.84 10.26
CA GLN A 57 -15.77 4.52 9.42
C GLN A 57 -16.36 5.76 8.73
N ILE A 58 -16.95 5.48 7.58
CA ILE A 58 -17.78 6.43 6.79
C ILE A 58 -19.12 5.73 6.58
N ASN A 59 -20.20 6.32 7.09
CA ASN A 59 -21.56 5.73 7.09
C ASN A 59 -21.49 4.24 7.43
N GLY A 60 -20.73 3.85 8.46
CA GLY A 60 -20.78 2.50 9.05
C GLY A 60 -19.92 1.49 8.31
N GLU A 61 -19.28 1.87 7.21
CA GLU A 61 -18.22 1.07 6.54
C GLU A 61 -16.84 1.42 7.13
N ASN A 62 -16.10 0.41 7.54
CA ASN A 62 -14.69 0.51 7.98
C ASN A 62 -13.83 1.00 6.83
N CYS A 63 -12.86 1.87 7.10
CA CYS A 63 -11.93 2.42 6.08
C CYS A 63 -10.65 1.59 5.98
N ALA A 64 -10.42 0.62 6.86
CA ALA A 64 -9.16 -0.17 6.88
C ALA A 64 -8.80 -0.61 5.47
N GLY A 65 -7.60 -0.30 5.02
CA GLY A 65 -7.07 -0.78 3.73
C GLY A 65 -7.57 -0.01 2.52
N TRP A 66 -8.42 1.02 2.67
CA TRP A 66 -8.86 1.82 1.50
C TRP A 66 -7.69 2.66 0.96
N SER A 67 -7.64 2.86 -0.35
CA SER A 67 -6.79 3.90 -0.99
C SER A 67 -7.36 5.29 -0.62
N SER A 68 -6.50 6.31 -0.66
CA SER A 68 -6.91 7.75 -0.68
C SER A 68 -8.00 7.96 -1.76
N ASP A 69 -7.88 7.37 -2.96
CA ASP A 69 -8.90 7.56 -4.03
C ASP A 69 -10.23 6.94 -3.60
N LYS A 70 -10.23 5.68 -3.12
CA LYS A 70 -11.50 5.04 -2.71
C LYS A 70 -12.19 5.88 -1.60
N ALA A 71 -11.44 6.37 -0.62
CA ALA A 71 -12.03 7.19 0.46
C ALA A 71 -12.69 8.44 -0.15
N HIS A 72 -12.01 9.15 -1.05
CA HIS A 72 -12.53 10.36 -1.79
C HIS A 72 -13.74 10.01 -2.66
N LYS A 73 -13.70 8.86 -3.31
CA LYS A 73 -14.79 8.33 -4.17
C LYS A 73 -15.98 8.07 -3.27
N VAL A 74 -15.77 7.40 -2.14
CA VAL A 74 -16.91 7.07 -1.22
C VAL A 74 -17.57 8.38 -0.81
N LEU A 75 -16.79 9.40 -0.46
CA LEU A 75 -17.31 10.73 -0.02
C LEU A 75 -18.16 11.38 -1.13
N LYS A 76 -17.69 11.33 -2.38
CA LYS A 76 -18.43 11.85 -3.57
C LYS A 76 -19.84 11.21 -3.59
N GLN A 77 -19.94 9.88 -3.56
CA GLN A 77 -21.22 9.15 -3.80
C GLN A 77 -22.13 9.12 -2.57
N ALA A 78 -21.76 9.70 -1.42
CA ALA A 78 -22.64 9.73 -0.22
C ALA A 78 -23.98 10.46 -0.52
N PHE A 79 -25.11 10.03 0.08
CA PHE A 79 -26.48 10.63 0.03
C PHE A 79 -26.57 11.90 0.90
N GLY A 80 -25.95 12.98 0.43
CA GLY A 80 -25.41 14.19 1.12
C GLY A 80 -26.17 14.69 2.33
N GLU A 81 -27.50 14.54 2.37
CA GLU A 81 -28.37 14.78 3.57
C GLU A 81 -27.54 14.66 4.87
N LYS A 82 -26.90 13.50 5.07
CA LYS A 82 -26.22 13.14 6.35
C LYS A 82 -25.10 12.14 6.07
N ILE A 83 -23.84 12.57 6.17
CA ILE A 83 -22.66 11.66 6.33
C ILE A 83 -22.32 11.52 7.83
N THR A 84 -22.29 10.28 8.34
CA THR A 84 -21.71 9.97 9.68
C THR A 84 -20.27 9.52 9.49
N MET A 85 -19.42 9.88 10.43
CA MET A 85 -18.01 9.41 10.45
C MET A 85 -17.67 8.98 11.86
N THR A 86 -16.89 7.90 11.96
CA THR A 86 -16.24 7.50 13.22
C THR A 86 -14.78 7.95 13.17
N ILE A 87 -14.37 8.69 14.20
CA ILE A 87 -13.10 9.50 14.21
C ILE A 87 -12.30 9.03 15.41
N ARG A 88 -11.01 8.75 15.23
CA ARG A 88 -10.03 8.63 16.35
C ARG A 88 -9.18 9.92 16.36
N ASP A 89 -9.19 10.58 17.50
CA ASP A 89 -8.60 11.92 17.68
C ASP A 89 -7.05 11.87 17.53
N ARG A 90 -6.54 12.58 16.53
CA ARG A 90 -5.10 12.79 16.20
C ARG A 90 -4.20 11.75 16.87
N PRO A 91 -4.30 10.47 16.45
CA PRO A 91 -3.59 9.40 17.11
C PRO A 91 -2.06 9.43 16.99
N PHE A 92 -1.51 10.08 15.96
CA PHE A 92 -0.04 10.22 15.75
C PHE A 92 0.49 11.47 16.47
N GLU A 93 -0.32 12.18 17.26
CA GLU A 93 0.09 13.50 17.79
C GLU A 93 0.03 13.46 19.31
N ARG A 94 0.85 14.27 19.99
CA ARG A 94 0.78 14.50 21.45
C ARG A 94 0.73 16.00 21.77
N THR A 95 0.21 16.33 22.95
CA THR A 95 0.10 17.75 23.41
C THR A 95 1.06 17.95 24.56
N ILE A 96 1.89 18.98 24.46
CA ILE A 96 2.85 19.41 25.52
C ILE A 96 2.42 20.79 26.01
N THR A 97 2.24 20.94 27.33
CA THR A 97 2.03 22.24 28.01
C THR A 97 3.39 22.76 28.52
N MET A 98 3.77 23.95 28.07
CA MET A 98 4.96 24.70 28.53
C MET A 98 4.52 26.07 29.08
N HIS A 99 5.39 26.74 29.85
CA HIS A 99 5.19 28.10 30.44
C HIS A 99 6.37 28.98 30.04
N LYS A 100 6.14 30.17 29.46
CA LYS A 100 7.19 31.11 28.99
C LYS A 100 8.04 31.55 30.18
N ASP A 101 9.34 31.79 30.01
CA ASP A 101 10.18 32.44 31.07
C ASP A 101 9.80 33.94 31.02
N SER A 102 10.29 34.75 31.95
CA SER A 102 10.01 36.22 31.95
C SER A 102 10.54 36.91 30.67
N THR A 103 11.50 36.29 29.99
CA THR A 103 12.00 36.72 28.65
C THR A 103 11.05 36.26 27.53
N GLY A 104 9.89 35.71 27.89
CA GLY A 104 8.87 35.23 26.93
C GLY A 104 9.32 34.07 26.04
N HIS A 105 10.17 33.16 26.55
CA HIS A 105 10.65 31.93 25.83
C HIS A 105 10.05 30.66 26.44
N VAL A 106 9.67 29.68 25.62
CA VAL A 106 9.30 28.29 26.05
C VAL A 106 10.56 27.41 26.02
N GLY A 107 11.40 27.58 24.99
CA GLY A 107 12.82 27.24 25.05
C GLY A 107 13.21 26.22 24.00
N PHE A 108 12.80 26.44 22.73
CA PHE A 108 13.26 25.66 21.57
C PHE A 108 13.47 26.53 20.32
N ILE A 109 13.98 25.86 19.28
CA ILE A 109 14.26 26.39 17.93
C ILE A 109 13.62 25.41 16.93
N PHE A 110 12.95 25.95 15.91
CA PHE A 110 12.27 25.20 14.84
C PHE A 110 12.63 25.78 13.46
N LYS A 111 12.43 24.98 12.42
CA LYS A 111 12.67 25.36 11.01
C LYS A 111 11.76 24.56 10.07
N ASN A 112 11.08 25.26 9.14
CA ASN A 112 9.92 24.79 8.35
C ASN A 112 8.98 23.97 9.24
N GLY A 113 8.60 24.51 10.42
CA GLY A 113 7.59 23.93 11.32
C GLY A 113 8.10 22.85 12.28
N LYS A 114 9.38 22.45 12.13
CA LYS A 114 10.05 21.30 12.80
C LYS A 114 11.01 21.73 13.91
N ILE A 115 10.74 21.31 15.14
CA ILE A 115 11.62 21.54 16.33
C ILE A 115 13.00 20.91 16.03
N THR A 116 14.10 21.66 16.20
CA THR A 116 15.46 21.17 15.80
C THR A 116 16.43 21.19 16.96
N SER A 117 16.12 21.91 18.04
CA SER A 117 16.91 21.85 19.28
C SER A 117 16.05 22.37 20.42
N ILE A 118 16.36 21.92 21.64
CA ILE A 118 15.70 22.33 22.91
C ILE A 118 16.78 23.04 23.72
N VAL A 119 16.45 24.17 24.34
CA VAL A 119 17.42 25.06 25.04
C VAL A 119 17.49 24.57 26.48
N LYS A 120 18.72 24.31 26.97
CA LYS A 120 19.00 23.88 28.36
C LYS A 120 18.16 24.73 29.30
N ASP A 121 17.72 24.19 30.44
CA ASP A 121 17.16 24.94 31.61
C ASP A 121 15.76 25.52 31.30
N SER A 122 15.20 25.22 30.12
CA SER A 122 13.89 25.79 29.67
C SER A 122 12.69 24.92 30.11
N SER A 123 11.49 25.48 29.96
CA SER A 123 10.20 24.78 30.13
C SER A 123 10.06 23.68 29.08
N ALA A 124 10.64 23.85 27.89
CA ALA A 124 10.66 22.84 26.81
C ALA A 124 11.49 21.62 27.25
N ALA A 125 12.71 21.83 27.78
CA ALA A 125 13.57 20.79 28.40
C ALA A 125 12.84 20.14 29.57
N ARG A 126 12.23 20.94 30.45
CA ARG A 126 11.59 20.44 31.69
C ARG A 126 10.43 19.51 31.34
N ASN A 127 9.80 19.73 30.17
CA ASN A 127 8.55 19.05 29.72
C ASN A 127 8.86 17.99 28.64
N GLY A 128 10.11 17.82 28.27
CA GLY A 128 10.59 16.73 27.40
C GLY A 128 10.08 16.88 25.99
N LEU A 129 10.07 18.11 25.50
CA LEU A 129 9.84 18.40 24.08
C LEU A 129 10.92 17.69 23.28
N LEU A 130 10.59 17.26 22.08
CA LEU A 130 11.50 16.43 21.26
C LEU A 130 11.82 17.18 20.00
N THR A 131 13.01 16.96 19.45
CA THR A 131 13.36 17.43 18.10
C THR A 131 12.76 16.45 17.08
N GLU A 132 12.92 16.77 15.79
CA GLU A 132 12.45 15.91 14.67
C GLU A 132 10.94 15.68 14.83
N HIS A 133 10.23 16.68 15.35
CA HIS A 133 8.75 16.69 15.51
C HIS A 133 8.22 17.95 14.83
N ASN A 134 7.20 17.82 13.97
CA ASN A 134 6.55 18.96 13.28
C ASN A 134 5.50 19.53 14.23
N ILE A 135 5.41 20.85 14.25
CA ILE A 135 4.38 21.58 15.03
C ILE A 135 3.07 21.51 14.26
N CYS A 136 2.03 20.92 14.84
CA CYS A 136 0.72 20.75 14.15
C CYS A 136 -0.22 21.88 14.56
N GLU A 137 -0.25 22.18 15.85
CA GLU A 137 -1.23 23.09 16.49
C GLU A 137 -0.46 23.86 17.59
N ILE A 138 -0.80 25.14 17.80
CA ILE A 138 -0.44 25.96 18.99
C ILE A 138 -1.76 26.43 19.63
N ASN A 139 -1.97 26.20 20.92
CA ASN A 139 -3.21 26.55 21.65
C ASN A 139 -4.43 26.16 20.81
N GLY A 140 -4.48 24.92 20.33
CA GLY A 140 -5.62 24.31 19.63
C GLY A 140 -5.87 24.95 18.28
N GLN A 141 -4.96 25.83 17.84
CA GLN A 141 -5.00 26.47 16.51
C GLN A 141 -4.08 25.71 15.57
N ASN A 142 -4.60 25.24 14.45
CA ASN A 142 -3.78 24.59 13.39
C ASN A 142 -2.84 25.63 12.79
N VAL A 143 -1.54 25.29 12.57
CA VAL A 143 -0.49 26.24 12.08
C VAL A 143 0.36 25.61 10.95
N ILE A 144 -0.17 24.55 10.36
CA ILE A 144 0.56 23.79 9.31
C ILE A 144 0.55 24.63 8.05
N GLY A 145 1.73 24.91 7.48
CA GLY A 145 1.88 25.71 6.25
C GLY A 145 2.14 27.18 6.53
N LEU A 146 1.78 27.68 7.74
CA LEU A 146 2.12 29.07 8.12
C LEU A 146 3.64 29.21 8.00
N LYS A 147 4.15 30.43 7.79
CA LYS A 147 5.61 30.71 7.73
C LYS A 147 6.17 30.64 9.14
N ASP A 148 7.49 30.44 9.28
CA ASP A 148 8.11 30.26 10.62
C ASP A 148 7.86 31.54 11.43
N SER A 149 7.84 32.68 10.72
CA SER A 149 7.61 34.02 11.29
C SER A 149 6.23 34.08 11.94
N GLN A 150 5.20 33.57 11.24
CA GLN A 150 3.80 33.63 11.73
C GLN A 150 3.64 32.71 12.95
N ILE A 151 4.39 31.60 12.98
CA ILE A 151 4.39 30.68 14.16
C ILE A 151 5.07 31.42 15.31
N ALA A 152 6.22 32.06 15.05
CA ALA A 152 6.91 32.93 16.04
C ALA A 152 5.90 33.90 16.62
N ASP A 153 5.15 34.60 15.74
CA ASP A 153 4.10 35.59 16.08
C ASP A 153 3.10 34.95 17.05
N ILE A 154 2.52 33.80 16.68
CA ILE A 154 1.48 33.11 17.49
C ILE A 154 2.05 32.74 18.87
N LEU A 155 3.36 32.46 18.95
CA LEU A 155 4.03 32.12 20.22
C LEU A 155 4.25 33.41 21.03
N SER A 156 4.74 34.47 20.36
CA SER A 156 4.98 35.83 20.94
C SER A 156 3.70 36.36 21.60
N THR A 157 2.59 36.35 20.88
CA THR A 157 1.29 36.94 21.33
C THR A 157 0.48 35.91 22.13
N SER A 158 0.94 34.67 22.26
CA SER A 158 0.26 33.71 23.18
C SER A 158 0.44 34.23 24.61
N GLY A 159 -0.50 33.95 25.52
CA GLY A 159 -0.31 34.06 26.98
C GLY A 159 0.89 33.23 27.44
N THR A 160 1.04 32.99 28.74
CA THR A 160 2.32 32.45 29.27
C THR A 160 2.29 30.93 29.17
N VAL A 161 1.12 30.31 29.38
CA VAL A 161 0.84 28.89 29.01
C VAL A 161 0.85 28.79 27.47
N VAL A 162 1.66 27.88 26.95
CA VAL A 162 1.69 27.49 25.52
C VAL A 162 1.46 25.98 25.45
N THR A 163 0.37 25.60 24.78
CA THR A 163 0.02 24.20 24.47
C THR A 163 0.41 23.95 23.03
N ILE A 164 1.38 23.05 22.79
CA ILE A 164 1.82 22.64 21.42
C ILE A 164 1.44 21.16 21.16
N THR A 165 0.82 20.93 20.03
CA THR A 165 0.50 19.59 19.52
C THR A 165 1.52 19.27 18.45
N ILE A 166 2.26 18.18 18.65
CA ILE A 166 3.36 17.78 17.73
C ILE A 166 3.14 16.37 17.18
N MET A 167 3.88 16.07 16.13
CA MET A 167 3.86 14.81 15.38
C MET A 167 5.28 14.51 14.89
N PRO A 168 5.74 13.25 15.09
CA PRO A 168 7.02 12.82 14.51
C PRO A 168 7.07 13.19 13.03
N ALA A 169 8.20 13.77 12.66
CA ALA A 169 8.49 14.31 11.32
C ALA A 169 8.25 13.26 10.23
N PHE A 170 8.77 12.03 10.40
N PHE A 170 8.74 12.03 10.44
CA PHE A 170 8.61 10.93 9.42
CA PHE A 170 8.63 10.91 9.46
C PHE A 170 7.12 10.73 9.11
C PHE A 170 7.15 10.61 9.17
N ILE A 171 6.27 10.79 10.15
CA ILE A 171 4.80 10.57 9.97
C ILE A 171 4.22 11.79 9.28
N PHE A 172 4.54 12.98 9.78
CA PHE A 172 4.10 14.27 9.18
C PHE A 172 4.44 14.32 7.68
N GLU A 173 5.69 14.03 7.30
CA GLU A 173 6.18 14.07 5.90
C GLU A 173 5.52 13.00 5.05
N HIS A 174 5.06 11.91 5.65
CA HIS A 174 4.29 10.87 4.96
C HIS A 174 2.88 11.42 4.68
N ILE A 175 2.29 12.15 5.63
CA ILE A 175 0.87 12.61 5.51
C ILE A 175 0.77 13.71 4.44
N ILE A 176 1.70 14.67 4.42
CA ILE A 176 1.63 15.91 3.58
C ILE A 176 2.29 15.78 2.21
N LYS A 177 2.83 14.61 1.87
CA LYS A 177 3.39 14.33 0.52
C LYS A 177 2.23 14.29 -0.47
N ARG A 178 2.39 14.97 -1.62
CA ARG A 178 1.34 15.10 -2.69
C ARG A 178 0.30 16.16 -2.30
N MET A 179 0.69 17.14 -1.47
CA MET A 179 -0.09 18.38 -1.19
C MET A 179 0.88 19.58 -1.26
N ALA A 180 0.84 20.31 -2.39
CA ALA A 180 1.75 21.45 -2.71
C ALA A 180 1.71 22.45 -1.56
N PRO A 181 2.89 22.93 -1.08
CA PRO A 181 2.97 23.67 0.19
C PRO A 181 2.16 24.98 0.28
N SER A 182 1.69 25.50 -0.87
CA SER A 182 0.83 26.70 -1.00
C SER A 182 -0.62 26.36 -0.61
N ILE A 183 -1.09 25.16 -0.93
CA ILE A 183 -2.47 24.71 -0.56
C ILE A 183 -2.52 24.61 0.98
N MET A 184 -1.41 24.18 1.61
CA MET A 184 -1.26 24.06 3.09
C MET A 184 -1.39 25.45 3.71
N LYS A 185 -0.56 26.40 3.25
CA LYS A 185 -0.58 27.84 3.62
C LYS A 185 -1.96 28.47 3.35
N SER A 186 -2.49 28.28 2.14
CA SER A 186 -3.73 28.91 1.63
C SER A 186 -4.97 28.32 2.31
N LEU A 187 -5.16 26.98 2.22
CA LEU A 187 -6.50 26.35 2.33
C LEU A 187 -6.70 25.50 3.59
N MET A 188 -5.64 25.13 4.33
CA MET A 188 -5.78 24.49 5.67
C MET A 188 -6.45 25.44 6.68
N ASP A 189 -7.55 25.01 7.29
CA ASP A 189 -8.25 25.84 8.31
C ASP A 189 -7.23 26.22 9.38
N HIS A 190 -6.91 27.51 9.52
CA HIS A 190 -5.97 28.03 10.55
C HIS A 190 -6.71 28.77 11.64
N THR A 191 -8.03 28.73 11.62
CA THR A 191 -8.84 29.61 12.49
C THR A 191 -8.99 28.94 13.84
N ILE A 192 -9.44 29.72 14.82
CA ILE A 192 -9.94 29.22 16.14
C ILE A 192 -11.31 28.61 15.89
N PRO A 193 -11.65 27.49 16.54
CA PRO A 193 -12.99 26.92 16.42
C PRO A 193 -14.08 27.92 16.82
N GLU A 194 -15.29 27.78 16.26
CA GLU A 194 -16.46 28.62 16.57
C GLU A 194 -17.29 27.94 17.67
N VAL A 195 -18.19 28.67 18.32
CA VAL A 195 -19.11 28.14 19.36
C VAL A 195 -20.53 28.58 19.07
N ALA B 3 -19.06 11.35 -30.46
CA ALA B 3 -18.03 12.03 -31.30
C ALA B 3 -18.51 13.43 -31.72
N GLU B 4 -19.82 13.56 -32.01
CA GLU B 4 -20.56 14.81 -32.39
C GLU B 4 -20.09 15.98 -31.49
N ILE B 5 -19.54 17.07 -32.08
CA ILE B 5 -19.18 18.31 -31.31
C ILE B 5 -20.50 18.86 -30.72
N LYS B 6 -20.62 18.94 -29.38
CA LYS B 6 -21.77 19.59 -28.66
C LYS B 6 -21.63 21.11 -28.86
N GLN B 7 -22.74 21.86 -28.81
CA GLN B 7 -22.69 23.36 -28.84
C GLN B 7 -23.06 23.88 -27.46
N GLY B 8 -22.90 25.17 -27.22
CA GLY B 8 -22.88 25.69 -25.86
C GLY B 8 -21.94 24.89 -24.97
N ILE B 9 -22.30 24.90 -23.68
CA ILE B 9 -21.40 24.86 -22.52
C ILE B 9 -21.88 23.78 -21.55
N ARG B 10 -20.99 22.90 -21.08
CA ARG B 10 -21.31 22.05 -19.90
C ARG B 10 -20.37 22.36 -18.73
N GLU B 11 -20.74 21.93 -17.54
CA GLU B 11 -19.87 21.99 -16.34
C GLU B 11 -19.28 20.58 -16.14
N VAL B 12 -17.99 20.46 -15.86
CA VAL B 12 -17.36 19.19 -15.41
C VAL B 12 -16.82 19.41 -13.99
N ILE B 13 -16.72 18.32 -13.24
CA ILE B 13 -16.31 18.33 -11.81
C ILE B 13 -15.12 17.36 -11.69
N LEU B 14 -13.99 17.83 -11.17
CA LEU B 14 -12.75 17.02 -11.07
C LEU B 14 -12.35 16.98 -9.61
N CYS B 15 -11.63 15.92 -9.29
CA CYS B 15 -11.01 15.57 -8.01
C CYS B 15 -9.53 15.33 -8.32
N LYS B 16 -8.62 16.19 -7.83
CA LYS B 16 -7.19 15.85 -7.82
C LYS B 16 -7.04 14.41 -7.31
N ASP B 17 -6.11 13.67 -7.90
CA ASP B 17 -5.82 12.26 -7.53
C ASP B 17 -4.89 12.28 -6.31
N GLN B 18 -4.51 11.11 -5.81
CA GLN B 18 -3.78 11.05 -4.52
C GLN B 18 -2.34 11.52 -4.76
N ASP B 19 -1.93 11.79 -6.00
CA ASP B 19 -0.65 12.51 -6.27
C ASP B 19 -0.88 14.03 -6.50
N GLY B 20 -2.09 14.56 -6.25
CA GLY B 20 -2.41 15.99 -6.39
C GLY B 20 -2.51 16.43 -7.86
N LYS B 21 -2.71 15.48 -8.79
CA LYS B 21 -2.66 15.71 -10.26
C LYS B 21 -4.07 15.63 -10.85
N ILE B 22 -4.24 16.27 -12.01
CA ILE B 22 -5.53 16.38 -12.74
C ILE B 22 -5.37 15.66 -14.08
N GLY B 23 -4.16 15.69 -14.65
CA GLY B 23 -3.81 15.07 -15.94
C GLY B 23 -4.11 15.96 -17.14
N LEU B 24 -3.95 17.29 -17.00
CA LEU B 24 -4.22 18.31 -18.06
C LEU B 24 -2.97 19.14 -18.34
N ARG B 25 -2.71 19.45 -19.61
CA ARG B 25 -1.97 20.69 -19.93
C ARG B 25 -2.92 21.61 -20.67
N LEU B 26 -2.81 22.90 -20.36
CA LEU B 26 -3.63 24.03 -20.83
C LEU B 26 -2.72 24.99 -21.59
N LYS B 27 -3.26 25.60 -22.65
CA LYS B 27 -2.53 26.50 -23.58
C LYS B 27 -3.38 27.73 -23.82
N SER B 28 -2.76 28.91 -23.73
CA SER B 28 -3.32 30.22 -24.17
C SER B 28 -3.48 30.22 -25.70
N ILE B 29 -4.72 30.39 -26.20
CA ILE B 29 -4.99 30.55 -27.66
C ILE B 29 -6.02 31.68 -27.85
N ASP B 30 -5.60 32.77 -28.52
CA ASP B 30 -6.51 33.86 -28.91
C ASP B 30 -7.25 34.36 -27.66
N ASN B 31 -6.56 34.45 -26.51
CA ASN B 31 -7.10 34.92 -25.21
C ASN B 31 -8.14 33.97 -24.63
N GLY B 32 -8.20 32.73 -25.12
CA GLY B 32 -8.88 31.66 -24.39
C GLY B 32 -7.85 30.69 -23.85
N ILE B 33 -8.34 29.67 -23.19
CA ILE B 33 -7.50 28.60 -22.63
C ILE B 33 -8.08 27.30 -23.19
N PHE B 34 -7.19 26.48 -23.74
CA PHE B 34 -7.52 25.22 -24.43
C PHE B 34 -6.68 24.08 -23.83
N VAL B 35 -7.26 22.88 -23.85
CA VAL B 35 -6.58 21.63 -23.42
C VAL B 35 -5.60 21.25 -24.53
N GLN B 36 -4.30 21.17 -24.22
CA GLN B 36 -3.30 20.67 -25.19
C GLN B 36 -2.93 19.22 -24.88
N LEU B 37 -3.20 18.76 -23.66
CA LEU B 37 -2.99 17.33 -23.28
C LEU B 37 -3.96 16.91 -22.17
N VAL B 38 -4.60 15.76 -22.37
CA VAL B 38 -5.32 14.97 -21.34
C VAL B 38 -4.51 13.68 -21.14
N GLN B 39 -4.13 13.36 -19.89
CA GLN B 39 -3.33 12.14 -19.54
C GLN B 39 -4.28 10.96 -19.42
N ALA B 40 -3.95 9.83 -20.06
CA ALA B 40 -4.68 8.54 -19.93
C ALA B 40 -4.76 8.17 -18.44
N ASN B 41 -5.92 7.71 -17.97
CA ASN B 41 -6.14 7.28 -16.56
C ASN B 41 -5.78 8.45 -15.64
N SER B 42 -6.61 9.48 -15.69
CA SER B 42 -6.42 10.71 -14.89
C SER B 42 -7.82 11.19 -14.57
N PRO B 43 -8.00 12.01 -13.52
CA PRO B 43 -9.33 12.52 -13.23
C PRO B 43 -9.86 13.12 -14.53
N ALA B 44 -8.96 13.79 -15.28
CA ALA B 44 -9.32 14.54 -16.53
C ALA B 44 -9.80 13.54 -17.59
N SER B 45 -9.06 12.45 -17.88
CA SER B 45 -9.59 11.36 -18.76
C SER B 45 -10.91 10.86 -18.19
N LEU B 46 -10.98 10.53 -16.90
CA LEU B 46 -12.19 9.91 -16.30
C LEU B 46 -13.43 10.81 -16.52
N VAL B 47 -13.32 12.14 -16.43
CA VAL B 47 -14.56 13.00 -16.54
C VAL B 47 -14.80 13.45 -17.98
N GLY B 48 -14.02 12.99 -18.95
CA GLY B 48 -14.42 13.13 -20.35
C GLY B 48 -13.91 14.43 -20.95
N LEU B 49 -12.90 15.05 -20.33
CA LEU B 49 -12.20 16.21 -20.94
C LEU B 49 -11.38 15.72 -22.15
N ARG B 50 -11.24 16.57 -23.17
CA ARG B 50 -10.66 16.21 -24.49
C ARG B 50 -9.71 17.30 -24.98
N PHE B 51 -8.63 16.87 -25.62
CA PHE B 51 -7.79 17.75 -26.47
C PHE B 51 -8.73 18.70 -27.23
N GLY B 52 -8.43 19.99 -27.14
CA GLY B 52 -9.11 21.02 -27.93
C GLY B 52 -10.27 21.63 -27.17
N ASP B 53 -10.70 21.06 -26.04
CA ASP B 53 -11.75 21.68 -25.20
C ASP B 53 -11.28 23.06 -24.78
N GLN B 54 -12.18 24.02 -24.82
CA GLN B 54 -11.96 25.34 -24.24
C GLN B 54 -12.45 25.27 -22.79
N VAL B 55 -11.62 25.76 -21.88
CA VAL B 55 -11.98 26.00 -20.45
C VAL B 55 -12.34 27.47 -20.29
N LEU B 56 -13.60 27.76 -19.98
CA LEU B 56 -14.17 29.15 -19.88
C LEU B 56 -13.88 29.67 -18.48
N GLN B 57 -14.07 28.81 -17.50
CA GLN B 57 -13.88 29.11 -16.07
C GLN B 57 -13.31 27.90 -15.33
N ILE B 58 -12.50 28.20 -14.31
CA ILE B 58 -12.07 27.24 -13.25
C ILE B 58 -12.60 27.80 -11.93
N ASN B 59 -13.44 27.01 -11.27
CA ASN B 59 -13.99 27.36 -9.93
C ASN B 59 -14.70 28.71 -10.05
N GLY B 60 -15.40 28.97 -11.17
CA GLY B 60 -16.19 30.20 -11.38
C GLY B 60 -15.34 31.45 -11.61
N GLU B 61 -14.02 31.32 -11.77
CA GLU B 61 -13.15 32.39 -12.33
C GLU B 61 -13.06 32.23 -13.86
N ASN B 62 -13.19 33.33 -14.61
CA ASN B 62 -13.04 33.41 -16.08
C ASN B 62 -11.56 33.26 -16.45
N CYS B 63 -11.29 32.44 -17.44
CA CYS B 63 -9.94 32.15 -17.96
C CYS B 63 -9.54 33.16 -19.04
N ALA B 64 -10.48 33.98 -19.51
CA ALA B 64 -10.23 35.01 -20.55
C ALA B 64 -8.94 35.75 -20.23
N GLY B 65 -7.96 35.75 -21.16
CA GLY B 65 -6.73 36.53 -21.04
C GLY B 65 -5.64 35.81 -20.27
N TRP B 66 -5.90 34.66 -19.66
CA TRP B 66 -4.88 33.99 -18.81
C TRP B 66 -3.76 33.48 -19.69
N SER B 67 -2.52 33.54 -19.19
CA SER B 67 -1.38 32.79 -19.78
C SER B 67 -1.56 31.32 -19.44
N SER B 68 -0.87 30.43 -20.15
CA SER B 68 -0.71 28.99 -19.82
C SER B 68 -0.19 28.84 -18.38
N ASP B 69 0.77 29.68 -18.01
CA ASP B 69 1.41 29.63 -16.66
C ASP B 69 0.36 29.98 -15.60
N LYS B 70 -0.39 31.06 -15.80
CA LYS B 70 -1.46 31.43 -14.83
C LYS B 70 -2.46 30.25 -14.67
N ALA B 71 -2.84 29.57 -15.74
CA ALA B 71 -3.91 28.54 -15.68
C ALA B 71 -3.39 27.34 -14.87
N HIS B 72 -2.24 26.80 -15.25
CA HIS B 72 -1.48 25.75 -14.54
C HIS B 72 -1.27 26.12 -13.07
N LYS B 73 -0.84 27.36 -12.85
CA LYS B 73 -0.67 27.91 -11.49
C LYS B 73 -2.01 27.79 -10.79
N VAL B 74 -3.11 28.13 -11.46
CA VAL B 74 -4.44 28.14 -10.78
C VAL B 74 -4.82 26.68 -10.43
N LEU B 75 -4.49 25.71 -11.29
CA LEU B 75 -4.76 24.28 -11.03
C LEU B 75 -3.88 23.77 -9.89
N LYS B 76 -2.59 24.13 -9.89
CA LYS B 76 -1.63 23.70 -8.84
C LYS B 76 -2.21 24.09 -7.47
N GLN B 77 -2.78 25.29 -7.36
CA GLN B 77 -3.18 25.94 -6.07
C GLN B 77 -4.60 25.53 -5.67
N ALA B 78 -5.37 24.88 -6.55
CA ALA B 78 -6.78 24.50 -6.26
C ALA B 78 -6.84 23.38 -5.22
N PHE B 79 -7.73 23.48 -4.24
CA PHE B 79 -8.15 22.33 -3.40
C PHE B 79 -8.63 21.21 -4.34
N GLY B 80 -8.27 19.97 -4.05
CA GLY B 80 -8.48 18.84 -4.99
C GLY B 80 -9.83 18.21 -4.84
N GLU B 81 -10.63 18.62 -3.87
CA GLU B 81 -11.93 17.95 -3.60
C GLU B 81 -12.88 18.14 -4.79
N LYS B 82 -13.37 19.35 -5.05
CA LYS B 82 -14.23 19.68 -6.20
C LYS B 82 -13.61 20.86 -6.96
N ILE B 83 -13.09 20.57 -8.15
CA ILE B 83 -12.62 21.60 -9.11
C ILE B 83 -13.70 21.67 -10.19
N THR B 84 -14.39 22.80 -10.32
CA THR B 84 -15.44 22.98 -11.35
C THR B 84 -14.83 23.62 -12.59
N MET B 85 -15.18 23.08 -13.75
CA MET B 85 -14.75 23.65 -15.05
C MET B 85 -15.98 23.82 -15.95
N THR B 86 -16.12 25.03 -16.50
CA THR B 86 -17.06 25.31 -17.58
C THR B 86 -16.28 25.13 -18.88
N ILE B 87 -16.81 24.27 -19.74
CA ILE B 87 -16.14 23.72 -20.96
C ILE B 87 -17.02 24.05 -22.16
N ARG B 88 -16.41 24.55 -23.23
CA ARG B 88 -16.99 24.61 -24.58
C ARG B 88 -16.34 23.45 -25.33
N ASP B 89 -17.16 22.56 -25.84
CA ASP B 89 -16.73 21.30 -26.48
C ASP B 89 -15.94 21.56 -27.77
N ARG B 90 -14.64 21.30 -27.77
CA ARG B 90 -13.70 21.29 -28.94
C ARG B 90 -14.06 22.29 -30.04
N PRO B 91 -14.07 23.62 -29.77
CA PRO B 91 -14.61 24.62 -30.70
C PRO B 91 -13.87 24.85 -32.01
N PHE B 92 -12.59 24.49 -32.10
CA PHE B 92 -11.76 24.58 -33.32
C PHE B 92 -11.89 23.27 -34.12
N GLU B 93 -12.73 22.33 -33.70
CA GLU B 93 -12.88 21.01 -34.35
C GLU B 93 -14.28 20.82 -34.88
N ARG B 94 -14.39 19.99 -35.92
CA ARG B 94 -15.63 19.50 -36.55
C ARG B 94 -15.41 18.02 -36.81
N THR B 95 -16.47 17.22 -36.92
CA THR B 95 -16.37 15.78 -37.21
C THR B 95 -17.04 15.52 -38.54
N ILE B 96 -16.56 14.54 -39.27
CA ILE B 96 -17.10 14.22 -40.61
C ILE B 96 -17.41 12.73 -40.54
N THR B 97 -18.60 12.33 -41.00
CA THR B 97 -18.98 10.90 -41.03
C THR B 97 -18.84 10.42 -42.48
N MET B 98 -18.08 9.35 -42.67
CA MET B 98 -17.80 8.75 -44.00
C MET B 98 -18.13 7.25 -43.98
N HIS B 99 -18.28 6.65 -45.17
CA HIS B 99 -18.62 5.22 -45.34
C HIS B 99 -17.50 4.53 -46.11
N LYS B 100 -16.91 3.50 -45.52
CA LYS B 100 -15.88 2.69 -46.18
C LYS B 100 -16.48 2.15 -47.46
N ASP B 101 -15.76 2.18 -48.57
CA ASP B 101 -16.24 1.52 -49.80
C ASP B 101 -15.84 0.02 -49.72
N SER B 102 -16.11 -0.75 -50.76
CA SER B 102 -16.00 -2.24 -50.71
C SER B 102 -14.53 -2.64 -50.52
N THR B 103 -13.58 -1.73 -50.78
CA THR B 103 -12.12 -1.90 -50.57
C THR B 103 -11.75 -1.46 -49.15
N GLY B 104 -12.69 -0.94 -48.38
CA GLY B 104 -12.46 -0.48 -46.99
C GLY B 104 -11.78 0.88 -46.88
N HIS B 105 -11.89 1.74 -47.91
CA HIS B 105 -11.30 3.11 -47.94
C HIS B 105 -12.35 4.20 -47.78
N VAL B 106 -12.02 5.26 -47.05
CA VAL B 106 -12.96 6.43 -46.97
C VAL B 106 -12.54 7.47 -48.01
N GLY B 107 -11.26 7.56 -48.34
CA GLY B 107 -10.80 8.27 -49.56
C GLY B 107 -9.97 9.49 -49.24
N PHE B 108 -8.92 9.35 -48.45
CA PHE B 108 -7.89 10.42 -48.37
C PHE B 108 -6.47 9.88 -48.15
N ILE B 109 -5.53 10.77 -48.34
CA ILE B 109 -4.10 10.57 -48.02
C ILE B 109 -3.78 11.55 -46.91
N PHE B 110 -2.89 11.16 -46.02
CA PHE B 110 -2.46 12.01 -44.87
C PHE B 110 -1.00 11.66 -44.60
N LYS B 111 -0.31 12.56 -43.90
CA LYS B 111 1.10 12.41 -43.51
C LYS B 111 1.31 13.23 -42.23
N ASN B 112 2.07 12.70 -41.27
CA ASN B 112 2.20 13.19 -39.88
C ASN B 112 0.80 13.60 -39.37
N GLY B 113 -0.22 12.78 -39.60
CA GLY B 113 -1.59 12.98 -39.07
C GLY B 113 -2.36 14.14 -39.72
N LYS B 114 -1.80 14.78 -40.74
CA LYS B 114 -2.44 15.89 -41.49
C LYS B 114 -2.97 15.41 -42.84
N ILE B 115 -4.24 15.69 -43.16
CA ILE B 115 -4.86 15.29 -44.48
C ILE B 115 -4.26 16.16 -45.58
N THR B 116 -3.77 15.54 -46.66
CA THR B 116 -3.06 16.23 -47.77
C THR B 116 -3.78 16.04 -49.09
N SER B 117 -4.64 15.06 -49.22
CA SER B 117 -5.34 14.85 -50.49
C SER B 117 -6.66 14.10 -50.22
N ILE B 118 -7.68 14.40 -51.03
CA ILE B 118 -9.03 13.79 -51.05
C ILE B 118 -9.10 12.93 -52.33
N VAL B 119 -9.38 11.65 -52.20
CA VAL B 119 -9.60 10.78 -53.38
C VAL B 119 -10.90 11.17 -54.09
N LYS B 120 -10.84 11.21 -55.42
CA LYS B 120 -11.94 11.45 -56.38
C LYS B 120 -13.09 10.46 -56.14
N ASP B 121 -14.33 10.96 -56.07
CA ASP B 121 -15.55 10.11 -56.01
C ASP B 121 -15.50 9.14 -54.83
N SER B 122 -14.95 9.56 -53.69
CA SER B 122 -14.88 8.81 -52.41
C SER B 122 -15.89 9.37 -51.40
N SER B 123 -16.09 8.65 -50.30
CA SER B 123 -16.94 9.12 -49.18
C SER B 123 -16.38 10.45 -48.67
N ALA B 124 -15.06 10.54 -48.56
CA ALA B 124 -14.34 11.77 -48.16
C ALA B 124 -14.73 12.93 -49.10
N ALA B 125 -14.70 12.73 -50.42
CA ALA B 125 -15.13 13.77 -51.39
C ALA B 125 -16.59 14.16 -51.14
N ARG B 126 -17.51 13.20 -51.05
CA ARG B 126 -18.99 13.46 -51.05
C ARG B 126 -19.35 14.29 -49.81
N ASN B 127 -18.65 14.01 -48.70
CA ASN B 127 -18.82 14.60 -47.35
C ASN B 127 -17.92 15.81 -47.10
N GLY B 128 -17.06 16.20 -48.05
CA GLY B 128 -16.35 17.50 -48.01
C GLY B 128 -15.23 17.53 -46.98
N LEU B 129 -14.56 16.40 -46.80
CA LEU B 129 -13.29 16.35 -46.03
C LEU B 129 -12.35 17.38 -46.66
N LEU B 130 -11.62 18.10 -45.83
CA LEU B 130 -10.70 19.17 -46.27
C LEU B 130 -9.26 18.74 -46.06
N THR B 131 -8.34 19.25 -46.90
CA THR B 131 -6.91 19.06 -46.68
C THR B 131 -6.44 20.06 -45.64
N GLU B 132 -5.17 19.95 -45.27
CA GLU B 132 -4.50 20.92 -44.37
C GLU B 132 -5.30 20.97 -43.06
N HIS B 133 -5.80 19.81 -42.64
CA HIS B 133 -6.53 19.58 -41.37
C HIS B 133 -5.85 18.39 -40.68
N ASN B 134 -5.55 18.53 -39.40
CA ASN B 134 -4.98 17.47 -38.53
C ASN B 134 -6.12 16.61 -38.07
N ILE B 135 -5.92 15.31 -38.13
CA ILE B 135 -6.80 14.25 -37.57
C ILE B 135 -6.60 14.25 -36.07
N CYS B 136 -7.63 14.60 -35.28
CA CYS B 136 -7.54 14.69 -33.81
C CYS B 136 -8.14 13.42 -33.22
N GLU B 137 -9.19 12.91 -33.85
CA GLU B 137 -9.92 11.76 -33.28
C GLU B 137 -10.45 10.90 -34.41
N ILE B 138 -10.43 9.58 -34.21
CA ILE B 138 -11.23 8.67 -35.08
C ILE B 138 -12.29 7.96 -34.22
N ASN B 139 -13.55 8.01 -34.66
CA ASN B 139 -14.71 7.44 -33.92
C ASN B 139 -14.63 7.87 -32.45
N GLY B 140 -14.16 9.10 -32.19
CA GLY B 140 -14.09 9.69 -30.83
C GLY B 140 -12.84 9.33 -30.07
N GLN B 141 -12.01 8.45 -30.61
CA GLN B 141 -10.71 8.08 -30.02
C GLN B 141 -9.64 9.12 -30.42
N ASN B 142 -9.10 9.84 -29.46
CA ASN B 142 -7.93 10.73 -29.65
C ASN B 142 -6.80 9.92 -30.32
N VAL B 143 -6.22 10.38 -31.43
CA VAL B 143 -5.02 9.73 -32.06
C VAL B 143 -3.84 10.68 -32.21
N ILE B 144 -3.74 11.71 -31.38
CA ILE B 144 -2.69 12.76 -31.51
C ILE B 144 -1.40 12.24 -30.89
N GLY B 145 -0.29 12.24 -31.63
CA GLY B 145 0.97 11.65 -31.19
C GLY B 145 1.14 10.22 -31.70
N LEU B 146 0.10 9.58 -32.23
CA LEU B 146 0.24 8.22 -32.81
C LEU B 146 0.91 8.37 -34.16
N LYS B 147 1.62 7.34 -34.61
CA LYS B 147 2.32 7.36 -35.91
C LYS B 147 1.28 7.01 -36.96
N ASP B 148 1.59 7.36 -38.21
CA ASP B 148 0.68 7.22 -39.36
C ASP B 148 0.22 5.76 -39.44
N SER B 149 1.12 4.81 -39.29
CA SER B 149 0.78 3.35 -39.32
C SER B 149 -0.34 3.11 -38.29
N GLN B 150 -0.20 3.59 -37.05
CA GLN B 150 -1.20 3.36 -35.97
C GLN B 150 -2.55 3.96 -36.37
N ILE B 151 -2.55 5.16 -36.99
CA ILE B 151 -3.85 5.84 -37.35
C ILE B 151 -4.48 5.01 -38.45
N ALA B 152 -3.65 4.51 -39.36
CA ALA B 152 -4.05 3.60 -40.46
C ALA B 152 -4.70 2.33 -39.87
N ASP B 153 -4.06 1.72 -38.86
CA ASP B 153 -4.61 0.48 -38.23
C ASP B 153 -5.99 0.82 -37.67
N ILE B 154 -6.09 1.88 -36.84
CA ILE B 154 -7.36 2.28 -36.17
C ILE B 154 -8.44 2.47 -37.24
N LEU B 155 -8.11 3.04 -38.41
CA LEU B 155 -9.12 3.16 -39.50
C LEU B 155 -9.48 1.78 -40.00
N SER B 156 -8.51 0.86 -40.15
CA SER B 156 -8.75 -0.50 -40.71
C SER B 156 -9.64 -1.29 -39.75
N THR B 157 -9.36 -1.22 -38.45
CA THR B 157 -10.12 -1.93 -37.39
C THR B 157 -11.47 -1.25 -37.17
N SER B 158 -11.66 0.00 -37.61
CA SER B 158 -12.97 0.67 -37.51
C SER B 158 -14.00 -0.10 -38.35
N GLY B 159 -15.30 0.06 -38.04
CA GLY B 159 -16.41 -0.49 -38.83
C GLY B 159 -16.54 0.24 -40.15
N THR B 160 -17.59 -0.03 -40.89
CA THR B 160 -17.90 0.65 -42.18
C THR B 160 -18.10 2.16 -41.97
N VAL B 161 -18.74 2.52 -40.87
CA VAL B 161 -19.05 3.94 -40.56
C VAL B 161 -17.87 4.48 -39.77
N VAL B 162 -17.20 5.50 -40.29
CA VAL B 162 -15.98 6.11 -39.71
C VAL B 162 -16.30 7.60 -39.49
N THR B 163 -16.05 8.09 -38.30
CA THR B 163 -16.20 9.52 -37.96
C THR B 163 -14.79 10.01 -37.69
N ILE B 164 -14.42 11.14 -38.30
CA ILE B 164 -13.08 11.77 -38.09
C ILE B 164 -13.33 13.14 -37.50
N THR B 165 -12.61 13.50 -36.47
CA THR B 165 -12.71 14.84 -35.88
C THR B 165 -11.44 15.54 -36.37
N ILE B 166 -11.56 16.71 -36.99
CA ILE B 166 -10.41 17.39 -37.64
C ILE B 166 -10.29 18.81 -37.08
N MET B 167 -9.10 19.37 -37.18
CA MET B 167 -8.74 20.73 -36.75
C MET B 167 -7.92 21.33 -37.89
N PRO B 168 -8.16 22.61 -38.26
CA PRO B 168 -7.25 23.35 -39.14
C PRO B 168 -5.80 23.29 -38.65
N ALA B 169 -4.87 22.99 -39.56
CA ALA B 169 -3.44 22.70 -39.26
C ALA B 169 -2.80 23.85 -38.50
N PHE B 170 -3.02 25.08 -38.97
N PHE B 170 -2.96 25.08 -38.99
CA PHE B 170 -2.46 26.33 -38.36
CA PHE B 170 -2.45 26.31 -38.35
C PHE B 170 -2.88 26.42 -36.89
C PHE B 170 -2.85 26.31 -36.88
N ILE B 171 -4.11 26.02 -36.56
CA ILE B 171 -4.60 26.06 -35.15
C ILE B 171 -3.97 24.91 -34.39
N PHE B 172 -3.95 23.70 -34.98
CA PHE B 172 -3.32 22.50 -34.38
C PHE B 172 -1.82 22.75 -34.07
N GLU B 173 -1.05 23.28 -35.01
CA GLU B 173 0.39 23.62 -34.72
C GLU B 173 0.47 24.63 -33.56
N HIS B 174 -0.49 25.51 -33.42
CA HIS B 174 -0.48 26.52 -32.32
C HIS B 174 -0.82 25.88 -30.96
N ILE B 175 -1.80 25.01 -30.91
CA ILE B 175 -2.23 24.34 -29.64
C ILE B 175 -1.09 23.45 -29.07
N ILE B 176 -0.26 22.82 -29.91
CA ILE B 176 0.75 21.84 -29.42
C ILE B 176 2.09 22.52 -29.08
N LYS B 177 2.31 23.79 -29.46
CA LYS B 177 3.45 24.61 -28.96
C LYS B 177 3.50 24.62 -27.42
N ARG B 178 4.70 24.83 -26.86
CA ARG B 178 5.01 24.83 -25.39
C ARG B 178 4.76 23.44 -24.78
N MET B 179 4.96 22.37 -25.58
CA MET B 179 4.79 20.97 -25.14
C MET B 179 5.80 20.10 -25.89
N ALA B 180 6.64 19.37 -25.15
CA ALA B 180 7.68 18.46 -25.69
C ALA B 180 7.00 17.36 -26.49
N PRO B 181 7.29 17.23 -27.80
CA PRO B 181 6.76 16.12 -28.61
C PRO B 181 6.74 14.73 -27.96
N SER B 182 7.66 14.49 -27.02
CA SER B 182 7.88 13.17 -26.39
C SER B 182 6.82 12.98 -25.32
N ILE B 183 6.44 14.06 -24.62
CA ILE B 183 5.29 14.10 -23.65
C ILE B 183 3.97 13.81 -24.39
N MET B 184 3.70 14.55 -25.47
CA MET B 184 2.48 14.42 -26.30
C MET B 184 2.42 13.00 -26.86
N LYS B 185 3.55 12.44 -27.30
CA LYS B 185 3.59 11.06 -27.85
C LYS B 185 3.36 10.04 -26.72
N SER B 186 3.86 10.28 -25.52
CA SER B 186 3.89 9.26 -24.46
C SER B 186 2.70 9.41 -23.49
N LEU B 187 2.18 10.63 -23.22
CA LEU B 187 1.17 10.79 -22.14
C LEU B 187 -0.25 10.94 -22.72
N MET B 188 -0.41 11.30 -24.02
CA MET B 188 -1.73 11.64 -24.61
C MET B 188 -2.72 10.49 -24.38
N ASP B 189 -3.90 10.83 -23.91
CA ASP B 189 -5.02 9.89 -23.71
C ASP B 189 -5.49 9.35 -25.06
N HIS B 190 -5.50 8.03 -25.25
CA HIS B 190 -6.03 7.31 -26.43
C HIS B 190 -7.14 6.31 -26.04
N THR B 191 -7.79 6.50 -24.90
CA THR B 191 -8.95 5.64 -24.49
C THR B 191 -10.01 5.55 -25.59
N ILE B 192 -10.77 4.46 -25.63
CA ILE B 192 -11.94 4.35 -26.51
C ILE B 192 -13.13 4.87 -25.71
N PRO B 193 -13.99 5.72 -26.33
CA PRO B 193 -15.18 6.24 -25.67
C PRO B 193 -16.01 5.12 -25.06
N GLU B 194 -16.36 5.28 -23.78
CA GLU B 194 -17.22 4.34 -23.01
C GLU B 194 -18.63 4.90 -23.04
N VAL B 195 -19.66 4.07 -22.87
CA VAL B 195 -21.01 4.60 -22.50
C VAL B 195 -21.28 4.20 -21.05
N ALA C 3 -2.42 -1.23 31.22
CA ALA C 3 -2.38 -1.13 29.71
C ALA C 3 -2.49 0.36 29.32
N GLU C 4 -3.56 1.04 29.75
CA GLU C 4 -4.08 2.29 29.13
C GLU C 4 -3.08 3.43 29.42
N ILE C 5 -2.72 4.23 28.42
CA ILE C 5 -1.63 5.25 28.53
C ILE C 5 -2.14 6.38 29.45
N LYS C 6 -1.53 6.56 30.63
CA LYS C 6 -1.71 7.73 31.54
C LYS C 6 -1.14 8.96 30.84
N GLN C 7 -1.74 10.13 31.05
CA GLN C 7 -1.26 11.41 30.45
C GLN C 7 -0.81 12.36 31.59
N GLY C 8 -0.17 13.48 31.23
CA GLY C 8 0.71 14.22 32.13
C GLY C 8 1.95 13.40 32.46
N ILE C 9 2.50 13.63 33.65
CA ILE C 9 3.86 13.22 34.09
C ILE C 9 3.75 12.70 35.52
N ARG C 10 4.50 11.65 35.88
CA ARG C 10 4.55 11.22 37.29
C ARG C 10 6.00 11.12 37.77
N GLU C 11 6.18 11.13 39.09
CA GLU C 11 7.47 10.97 39.81
C GLU C 11 7.61 9.52 40.25
N VAL C 12 8.81 8.95 40.19
CA VAL C 12 9.07 7.62 40.84
C VAL C 12 10.38 7.68 41.62
N ILE C 13 10.42 6.95 42.73
CA ILE C 13 11.54 6.89 43.71
C ILE C 13 12.03 5.44 43.65
N LEU C 14 13.31 5.22 43.32
CA LEU C 14 13.92 3.86 43.28
C LEU C 14 15.11 3.85 44.23
N CYS C 15 15.46 2.65 44.68
CA CYS C 15 16.69 2.31 45.39
C CYS C 15 17.42 1.28 44.54
N LYS C 16 18.74 1.47 44.37
CA LYS C 16 19.64 0.43 43.81
C LYS C 16 19.48 -0.85 44.62
N ASP C 17 19.54 -2.01 43.98
CA ASP C 17 19.40 -3.32 44.65
C ASP C 17 20.73 -3.67 45.33
N GLN C 18 20.89 -4.94 45.73
CA GLN C 18 22.10 -5.51 46.37
C GLN C 18 23.33 -5.35 45.46
N ASP C 19 23.17 -5.47 44.14
CA ASP C 19 24.29 -5.39 43.15
C ASP C 19 24.52 -3.95 42.65
N GLY C 20 23.91 -2.93 43.29
CA GLY C 20 23.96 -1.50 42.88
C GLY C 20 23.24 -1.18 41.55
N LYS C 21 22.24 -1.99 41.15
CA LYS C 21 21.54 -1.91 39.85
C LYS C 21 20.09 -1.50 40.08
N ILE C 22 19.45 -0.82 39.10
CA ILE C 22 17.98 -0.54 39.09
C ILE C 22 17.33 -1.36 37.99
N GLY C 23 18.11 -1.83 37.00
CA GLY C 23 17.66 -2.78 35.97
C GLY C 23 16.98 -2.08 34.81
N LEU C 24 17.69 -1.10 34.22
CA LEU C 24 17.27 -0.23 33.10
C LEU C 24 18.35 -0.23 32.02
N ARG C 25 17.91 -0.16 30.76
CA ARG C 25 18.69 0.45 29.66
C ARG C 25 17.89 1.64 29.12
N LEU C 26 18.58 2.75 28.87
CA LEU C 26 18.03 4.04 28.42
C LEU C 26 18.63 4.37 27.05
N LYS C 27 17.88 5.09 26.23
CA LYS C 27 18.21 5.37 24.81
C LYS C 27 17.79 6.82 24.49
N SER C 28 18.71 7.56 23.88
CA SER C 28 18.52 8.88 23.24
C SER C 28 17.64 8.72 22.02
N ILE C 29 16.45 9.36 22.05
CA ILE C 29 15.51 9.47 20.91
C ILE C 29 15.13 10.95 20.82
N ASP C 30 15.45 11.62 19.70
CA ASP C 30 14.86 12.95 19.36
C ASP C 30 15.13 13.92 20.51
N ASN C 31 16.30 13.82 21.13
CA ASN C 31 16.84 14.72 22.20
C ASN C 31 16.09 14.55 23.53
N GLY C 32 15.43 13.41 23.67
CA GLY C 32 15.01 12.89 24.96
C GLY C 32 15.66 11.54 25.26
N ILE C 33 15.29 11.02 26.40
CA ILE C 33 15.76 9.73 26.98
C ILE C 33 14.54 8.85 27.19
N PHE C 34 14.61 7.66 26.62
CA PHE C 34 13.53 6.63 26.69
C PHE C 34 14.08 5.30 27.21
N VAL C 35 13.21 4.56 27.88
CA VAL C 35 13.52 3.21 28.42
C VAL C 35 13.53 2.25 27.23
N GLN C 36 14.69 1.65 26.87
CA GLN C 36 14.76 0.54 25.87
C GLN C 36 14.68 -0.85 26.54
N LEU C 37 14.94 -0.96 27.85
CA LEU C 37 14.81 -2.26 28.55
C LEU C 37 14.65 -2.04 30.05
N VAL C 38 13.67 -2.75 30.60
CA VAL C 38 13.39 -2.97 32.04
C VAL C 38 13.62 -4.47 32.27
N GLN C 39 14.38 -4.87 33.28
CA GLN C 39 14.49 -6.34 33.58
C GLN C 39 13.46 -6.74 34.62
N ALA C 40 12.99 -7.98 34.55
CA ALA C 40 12.07 -8.57 35.56
C ALA C 40 12.70 -8.47 36.95
N ASN C 41 11.87 -8.35 37.98
N ASN C 41 11.85 -8.49 37.97
CA ASN C 41 12.26 -8.46 39.42
CA ASN C 41 12.19 -8.39 39.42
C ASN C 41 13.26 -7.37 39.80
C ASN C 41 13.41 -7.48 39.57
N SER C 42 13.30 -6.25 39.06
CA SER C 42 14.32 -5.19 39.23
C SER C 42 13.63 -4.05 39.95
N PRO C 43 14.37 -3.19 40.68
CA PRO C 43 13.78 -2.00 41.27
C PRO C 43 12.93 -1.21 40.28
N ALA C 44 13.40 -1.08 39.03
CA ALA C 44 12.70 -0.36 37.93
C ALA C 44 11.32 -0.98 37.66
N SER C 45 11.26 -2.29 37.43
CA SER C 45 9.98 -2.99 37.12
C SER C 45 9.01 -2.81 38.29
N LEU C 46 9.52 -2.98 39.52
CA LEU C 46 8.69 -3.02 40.75
C LEU C 46 8.03 -1.66 40.98
N VAL C 47 8.69 -0.55 40.60
CA VAL C 47 8.14 0.82 40.83
C VAL C 47 7.12 1.13 39.74
N GLY C 48 7.22 0.48 38.57
CA GLY C 48 6.22 0.58 37.48
C GLY C 48 6.79 1.07 36.16
N LEU C 49 8.12 1.25 36.04
CA LEU C 49 8.75 1.68 34.75
C LEU C 49 8.50 0.64 33.66
N ARG C 50 8.27 1.10 32.42
CA ARG C 50 7.96 0.23 31.26
C ARG C 50 8.76 0.62 30.04
N PHE C 51 9.02 -0.36 29.18
CA PHE C 51 9.56 -0.10 27.83
C PHE C 51 8.83 1.13 27.29
N GLY C 52 9.57 2.09 26.73
CA GLY C 52 9.01 3.22 25.96
C GLY C 52 8.71 4.44 26.81
N ASP C 53 8.87 4.34 28.13
CA ASP C 53 8.69 5.50 29.04
C ASP C 53 9.74 6.55 28.66
N GLN C 54 9.40 7.84 28.75
CA GLN C 54 10.33 8.97 28.60
C GLN C 54 10.69 9.42 30.01
N VAL C 55 12.00 9.50 30.28
CA VAL C 55 12.62 10.08 31.50
C VAL C 55 12.92 11.58 31.21
N LEU C 56 12.22 12.46 31.92
CA LEU C 56 12.26 13.93 31.74
C LEU C 56 13.39 14.46 32.65
N GLN C 57 13.44 13.97 33.91
CA GLN C 57 14.46 14.34 34.94
C GLN C 57 14.96 13.08 35.70
N ILE C 58 16.24 13.08 36.08
CA ILE C 58 16.84 12.13 37.06
C ILE C 58 17.42 12.98 38.19
N ASN C 59 16.95 12.76 39.42
CA ASN C 59 17.36 13.57 40.61
C ASN C 59 17.19 15.06 40.30
N GLY C 60 16.10 15.41 39.61
CA GLY C 60 15.69 16.81 39.40
C GLY C 60 16.47 17.49 38.30
N GLU C 61 17.37 16.80 37.60
CA GLU C 61 18.10 17.36 36.42
C GLU C 61 17.36 16.92 35.16
N ASN C 62 17.33 17.79 34.15
CA ASN C 62 16.63 17.58 32.86
C ASN C 62 17.45 16.63 32.00
N CYS C 63 16.79 15.65 31.37
CA CYS C 63 17.46 14.63 30.52
C CYS C 63 17.64 15.15 29.11
N ALA C 64 16.96 16.23 28.77
CA ALA C 64 16.92 16.78 27.41
C ALA C 64 18.36 16.88 26.85
N GLY C 65 18.59 16.32 25.67
CA GLY C 65 19.88 16.44 24.96
C GLY C 65 20.93 15.45 25.43
N TRP C 66 20.67 14.65 26.47
CA TRP C 66 21.64 13.61 26.95
C TRP C 66 21.78 12.50 25.91
N SER C 67 23.01 12.02 25.74
CA SER C 67 23.35 10.70 25.14
C SER C 67 22.89 9.59 26.07
N SER C 68 22.64 8.41 25.54
CA SER C 68 22.50 7.15 26.29
C SER C 68 23.63 7.02 27.34
N ASP C 69 24.88 7.16 26.91
CA ASP C 69 26.11 7.01 27.74
C ASP C 69 26.01 7.98 28.93
N LYS C 70 25.65 9.23 28.68
CA LYS C 70 25.52 10.21 29.78
C LYS C 70 24.38 9.78 30.71
N ALA C 71 23.26 9.28 30.18
CA ALA C 71 22.12 8.86 31.03
C ALA C 71 22.59 7.73 31.97
N HIS C 72 23.33 6.79 31.41
CA HIS C 72 23.85 5.61 32.15
C HIS C 72 24.94 6.08 33.13
N LYS C 73 25.85 6.94 32.71
CA LYS C 73 26.93 7.41 33.62
C LYS C 73 26.30 8.16 34.80
N VAL C 74 25.24 8.95 34.59
CA VAL C 74 24.59 9.70 35.71
C VAL C 74 23.97 8.70 36.68
N LEU C 75 23.32 7.65 36.18
CA LEU C 75 22.64 6.69 37.09
C LEU C 75 23.70 5.87 37.86
N LYS C 76 24.65 5.27 37.16
CA LYS C 76 25.85 4.65 37.77
C LYS C 76 26.35 5.51 38.95
N GLN C 77 26.53 6.82 38.77
CA GLN C 77 27.21 7.68 39.79
C GLN C 77 26.28 8.10 40.93
N ALA C 78 25.01 7.69 40.90
CA ALA C 78 23.96 8.20 41.82
C ALA C 78 23.96 7.34 43.09
N PHE C 79 24.20 7.96 44.26
CA PHE C 79 24.37 7.30 45.59
C PHE C 79 23.98 8.24 46.72
N GLY C 80 22.70 8.52 46.88
CA GLY C 80 22.04 8.71 48.18
C GLY C 80 21.20 7.49 48.45
N GLU C 81 20.23 7.57 49.37
CA GLU C 81 19.32 6.42 49.66
C GLU C 81 18.50 6.11 48.40
N LYS C 82 17.85 7.15 47.84
CA LYS C 82 16.79 7.04 46.81
C LYS C 82 17.25 7.72 45.51
N ILE C 83 16.69 7.28 44.38
CA ILE C 83 16.82 7.93 43.06
C ILE C 83 15.42 8.41 42.66
N THR C 84 15.29 9.65 42.19
CA THR C 84 14.01 10.21 41.66
C THR C 84 14.10 10.32 40.14
N MET C 85 13.03 9.95 39.46
CA MET C 85 12.88 10.07 37.99
C MET C 85 11.50 10.71 37.75
N THR C 86 11.47 11.70 36.87
CA THR C 86 10.20 12.25 36.34
C THR C 86 9.95 11.59 35.00
N ILE C 87 8.77 11.02 34.81
CA ILE C 87 8.43 10.08 33.70
C ILE C 87 7.17 10.61 33.03
N ARG C 88 7.16 10.65 31.71
CA ARG C 88 5.96 10.70 30.86
C ARG C 88 5.74 9.28 30.32
N ASP C 89 4.50 8.80 30.41
CA ASP C 89 4.06 7.42 30.14
C ASP C 89 4.17 7.13 28.66
N ARG C 90 4.86 6.06 28.32
CA ARG C 90 4.98 5.44 26.97
C ARG C 90 4.49 6.39 25.88
N PRO C 91 5.14 7.55 25.62
CA PRO C 91 4.58 8.61 24.78
C PRO C 91 4.50 8.27 23.28
N PHE C 92 5.21 7.25 22.81
CA PHE C 92 5.22 6.89 21.35
C PHE C 92 4.19 5.79 21.15
N GLU C 93 3.48 5.36 22.19
CA GLU C 93 2.60 4.16 22.11
C GLU C 93 1.15 4.54 22.26
N ARG C 94 0.24 3.64 21.84
N ARG C 94 0.22 3.68 21.81
CA ARG C 94 -1.23 3.77 21.93
CA ARG C 94 -1.25 3.83 22.02
C ARG C 94 -1.85 2.40 22.23
C ARG C 94 -1.87 2.44 22.21
N THR C 95 -3.03 2.36 22.86
CA THR C 95 -3.76 1.10 23.13
C THR C 95 -5.02 1.04 22.27
N ILE C 96 -5.29 -0.10 21.69
CA ILE C 96 -6.48 -0.41 20.85
C ILE C 96 -7.10 -1.60 21.56
N THR C 97 -8.36 -1.48 21.95
CA THR C 97 -9.15 -2.60 22.51
C THR C 97 -9.96 -3.24 21.38
N MET C 98 -9.97 -4.57 21.34
CA MET C 98 -10.69 -5.38 20.36
C MET C 98 -11.43 -6.53 21.05
N HIS C 99 -12.50 -7.00 20.40
CA HIS C 99 -13.37 -8.13 20.85
C HIS C 99 -13.15 -9.28 19.86
N LYS C 100 -12.91 -10.49 20.34
CA LYS C 100 -12.66 -11.65 19.44
C LYS C 100 -13.95 -12.05 18.71
N ASP C 101 -13.82 -12.58 17.50
CA ASP C 101 -14.94 -13.10 16.68
C ASP C 101 -15.28 -14.48 17.25
N SER C 102 -16.11 -15.27 16.55
CA SER C 102 -16.59 -16.58 17.04
C SER C 102 -15.48 -17.63 16.87
N THR C 103 -14.54 -17.41 15.93
CA THR C 103 -13.29 -18.22 15.83
C THR C 103 -12.31 -17.75 16.91
N GLY C 104 -12.58 -16.65 17.62
CA GLY C 104 -11.69 -16.19 18.70
C GLY C 104 -10.40 -15.62 18.16
N HIS C 105 -10.46 -14.96 17.01
CA HIS C 105 -9.41 -14.03 16.50
C HIS C 105 -9.93 -12.59 16.55
N VAL C 106 -8.98 -11.66 16.69
CA VAL C 106 -9.20 -10.21 16.88
C VAL C 106 -9.26 -9.50 15.53
N GLY C 107 -8.61 -10.10 14.51
CA GLY C 107 -8.66 -9.71 13.09
C GLY C 107 -7.37 -9.06 12.59
N PHE C 108 -6.19 -9.54 13.00
CA PHE C 108 -4.88 -9.06 12.47
C PHE C 108 -3.84 -10.19 12.31
N ILE C 109 -2.86 -9.95 11.47
CA ILE C 109 -1.69 -10.84 11.26
C ILE C 109 -0.43 -10.07 11.68
N PHE C 110 0.46 -10.73 12.40
CA PHE C 110 1.80 -10.17 12.72
C PHE C 110 2.88 -11.15 12.28
N LYS C 111 4.07 -10.62 12.04
CA LYS C 111 5.35 -11.33 11.81
C LYS C 111 6.42 -10.54 12.57
N ASN C 112 7.24 -11.22 13.36
CA ASN C 112 8.22 -10.63 14.31
C ASN C 112 7.57 -9.52 15.16
N GLY C 113 6.38 -9.79 15.70
CA GLY C 113 5.64 -8.88 16.62
C GLY C 113 5.24 -7.58 15.94
N LYS C 114 5.27 -7.54 14.62
CA LYS C 114 4.84 -6.36 13.81
C LYS C 114 3.56 -6.72 13.08
N ILE C 115 2.54 -5.86 13.22
CA ILE C 115 1.22 -6.03 12.56
C ILE C 115 1.45 -5.84 11.06
N THR C 116 1.01 -6.81 10.24
CA THR C 116 1.36 -6.81 8.80
C THR C 116 0.11 -6.79 7.94
N SER C 117 -1.04 -7.20 8.48
CA SER C 117 -2.32 -7.03 7.76
C SER C 117 -3.50 -7.04 8.74
N ILE C 118 -4.57 -6.34 8.33
CA ILE C 118 -5.84 -6.19 9.08
C ILE C 118 -6.91 -6.96 8.32
N VAL C 119 -7.77 -7.71 9.03
CA VAL C 119 -8.82 -8.55 8.39
C VAL C 119 -10.04 -7.65 8.18
N LYS C 120 -10.60 -7.68 6.97
CA LYS C 120 -11.84 -6.97 6.59
C LYS C 120 -12.93 -7.42 7.55
N ASP C 121 -13.70 -6.45 8.07
CA ASP C 121 -14.92 -6.71 8.89
C ASP C 121 -14.51 -7.37 10.20
N SER C 122 -13.30 -7.09 10.69
CA SER C 122 -12.78 -7.58 12.00
C SER C 122 -12.97 -6.49 13.05
N SER C 123 -12.83 -6.83 14.33
CA SER C 123 -12.79 -5.82 15.43
C SER C 123 -11.53 -4.92 15.30
N ALA C 124 -10.43 -5.49 14.83
CA ALA C 124 -9.20 -4.76 14.45
C ALA C 124 -9.57 -3.64 13.46
N ALA C 125 -10.33 -3.99 12.42
CA ALA C 125 -10.79 -3.05 11.37
C ALA C 125 -11.64 -1.96 12.02
N ARG C 126 -12.74 -2.34 12.70
CA ARG C 126 -13.71 -1.42 13.34
C ARG C 126 -12.97 -0.49 14.29
N ASN C 127 -11.92 -0.97 14.96
CA ASN C 127 -11.14 -0.12 15.90
C ASN C 127 -9.89 0.53 15.25
N GLY C 128 -9.65 0.36 13.95
CA GLY C 128 -8.64 1.18 13.23
C GLY C 128 -7.22 0.84 13.64
N LEU C 129 -6.95 -0.45 13.85
CA LEU C 129 -5.60 -0.99 14.11
C LEU C 129 -4.82 -0.81 12.81
N LEU C 130 -3.57 -0.42 12.93
CA LEU C 130 -2.67 -0.08 11.82
C LEU C 130 -1.63 -1.20 11.65
N THR C 131 -1.06 -1.26 10.45
CA THR C 131 0.04 -2.14 10.03
C THR C 131 1.29 -1.32 10.26
N GLU C 132 2.45 -1.93 10.16
CA GLU C 132 3.73 -1.22 10.34
C GLU C 132 3.80 -0.68 11.78
N HIS C 133 3.26 -1.44 12.72
CA HIS C 133 3.30 -1.09 14.16
C HIS C 133 3.70 -2.32 14.95
N ASN C 134 4.67 -2.16 15.85
CA ASN C 134 5.11 -3.26 16.75
C ASN C 134 4.16 -3.40 17.95
N ILE C 135 3.80 -4.64 18.28
CA ILE C 135 3.04 -5.00 19.50
C ILE C 135 4.09 -4.93 20.62
N CYS C 136 3.90 -3.99 21.53
CA CYS C 136 4.73 -3.76 22.73
C CYS C 136 4.10 -4.46 23.97
N GLU C 137 2.78 -4.47 24.08
CA GLU C 137 2.11 -5.14 25.22
C GLU C 137 0.79 -5.75 24.78
N ILE C 138 0.40 -6.88 25.38
CA ILE C 138 -0.99 -7.43 25.32
C ILE C 138 -1.51 -7.42 26.74
N ASN C 139 -2.67 -6.77 26.95
CA ASN C 139 -3.37 -6.58 28.24
C ASN C 139 -2.40 -6.18 29.34
N GLY C 140 -1.60 -5.13 29.12
CA GLY C 140 -0.66 -4.60 30.13
C GLY C 140 0.65 -5.37 30.18
N GLN C 141 0.74 -6.50 29.50
CA GLN C 141 1.92 -7.37 29.58
C GLN C 141 2.87 -7.13 28.40
N ASN C 142 4.12 -6.78 28.72
CA ASN C 142 5.21 -6.55 27.74
C ASN C 142 5.48 -7.89 27.03
N VAL C 143 5.52 -7.89 25.70
CA VAL C 143 5.80 -9.13 24.93
C VAL C 143 6.99 -8.89 24.00
N ILE C 144 7.84 -7.92 24.34
CA ILE C 144 8.96 -7.52 23.44
C ILE C 144 10.09 -8.52 23.61
N GLY C 145 10.47 -9.18 22.50
CA GLY C 145 11.48 -10.24 22.47
C GLY C 145 10.84 -11.64 22.55
N LEU C 146 9.55 -11.76 22.82
CA LEU C 146 8.86 -13.07 22.75
C LEU C 146 8.81 -13.57 21.31
N LYS C 147 8.70 -14.88 21.10
CA LYS C 147 8.58 -15.43 19.73
C LYS C 147 7.15 -15.18 19.28
N ASP C 148 6.90 -15.21 17.98
CA ASP C 148 5.51 -15.04 17.51
C ASP C 148 4.63 -16.11 18.17
N SER C 149 5.13 -17.35 18.31
CA SER C 149 4.32 -18.46 18.88
C SER C 149 3.95 -18.11 20.31
N GLN C 150 4.81 -17.43 21.07
CA GLN C 150 4.45 -17.09 22.47
C GLN C 150 3.42 -15.95 22.48
N ILE C 151 3.55 -15.02 21.54
CA ILE C 151 2.61 -13.88 21.42
C ILE C 151 1.25 -14.47 21.07
N ALA C 152 1.21 -15.46 20.17
CA ALA C 152 -0.04 -16.14 19.78
C ALA C 152 -0.66 -16.84 20.99
N ASP C 153 0.16 -17.49 21.81
CA ASP C 153 -0.36 -18.25 22.99
C ASP C 153 -1.00 -17.25 23.96
N ILE C 154 -0.37 -16.08 24.17
CA ILE C 154 -0.91 -15.02 25.08
C ILE C 154 -2.25 -14.53 24.53
N LEU C 155 -2.32 -14.34 23.21
CA LEU C 155 -3.58 -13.93 22.56
C LEU C 155 -4.64 -15.03 22.80
N SER C 156 -4.27 -16.30 22.58
CA SER C 156 -5.18 -17.47 22.77
C SER C 156 -5.87 -17.39 24.13
N THR C 157 -5.08 -17.14 25.17
CA THR C 157 -5.45 -17.20 26.62
C THR C 157 -5.84 -15.81 27.15
N SER C 158 -5.90 -14.77 26.32
CA SER C 158 -6.59 -13.55 26.79
C SER C 158 -8.08 -13.85 26.75
N GLY C 159 -8.91 -13.01 27.32
CA GLY C 159 -10.35 -13.25 27.20
C GLY C 159 -10.81 -12.93 25.79
N THR C 160 -12.06 -12.48 25.66
CA THR C 160 -12.64 -12.05 24.37
C THR C 160 -12.28 -10.58 24.14
N VAL C 161 -12.02 -9.83 25.22
CA VAL C 161 -11.56 -8.42 25.18
C VAL C 161 -10.04 -8.43 25.24
N VAL C 162 -9.38 -8.02 24.16
CA VAL C 162 -7.92 -7.97 24.02
C VAL C 162 -7.50 -6.51 23.83
N THR C 163 -6.67 -5.98 24.72
CA THR C 163 -6.01 -4.66 24.55
C THR C 163 -4.59 -4.88 24.05
N ILE C 164 -4.24 -4.27 22.94
CA ILE C 164 -2.88 -4.28 22.35
C ILE C 164 -2.29 -2.87 22.48
N THR C 165 -1.04 -2.78 22.93
CA THR C 165 -0.32 -1.51 23.06
C THR C 165 0.66 -1.54 21.92
N ILE C 166 0.56 -0.58 21.01
CA ILE C 166 1.37 -0.54 19.77
C ILE C 166 2.19 0.73 19.73
N MET C 167 3.18 0.68 18.83
CA MET C 167 4.20 1.70 18.56
C MET C 167 4.53 1.64 17.07
N PRO C 168 4.58 2.80 16.34
CA PRO C 168 4.99 2.83 14.94
C PRO C 168 6.37 2.17 14.78
N ALA C 169 6.46 1.28 13.78
CA ALA C 169 7.62 0.39 13.55
C ALA C 169 8.97 1.14 13.54
N PHE C 170 9.02 2.27 12.82
N PHE C 170 9.06 2.25 12.80
CA PHE C 170 10.27 3.06 12.60
CA PHE C 170 10.32 3.02 12.62
C PHE C 170 10.76 3.62 13.95
C PHE C 170 10.79 3.54 13.98
N ILE C 171 9.85 3.85 14.90
CA ILE C 171 10.21 4.38 16.24
C ILE C 171 10.71 3.21 17.08
N PHE C 172 10.01 2.09 16.98
CA PHE C 172 10.35 0.85 17.69
C PHE C 172 11.77 0.42 17.29
N GLU C 173 12.01 0.35 15.97
CA GLU C 173 13.32 -0.09 15.42
C GLU C 173 14.42 0.86 15.91
N HIS C 174 14.12 2.13 16.09
CA HIS C 174 15.12 3.12 16.57
C HIS C 174 15.39 2.89 18.06
N ILE C 175 14.35 2.66 18.86
CA ILE C 175 14.47 2.49 20.33
C ILE C 175 15.30 1.25 20.64
N ILE C 176 15.21 0.16 19.86
CA ILE C 176 15.87 -1.14 20.16
C ILE C 176 17.27 -1.23 19.53
N LYS C 177 17.73 -0.16 18.85
CA LYS C 177 19.14 0.01 18.42
C LYS C 177 19.97 0.16 19.68
N ARG C 178 21.24 -0.29 19.67
CA ARG C 178 22.18 -0.25 20.82
C ARG C 178 21.87 -1.40 21.78
N MET C 179 21.30 -2.48 21.25
CA MET C 179 20.89 -3.65 22.05
C MET C 179 20.93 -4.88 21.14
N ALA C 180 21.67 -5.90 21.54
CA ALA C 180 21.67 -7.24 20.90
C ALA C 180 20.31 -7.88 21.12
N PRO C 181 19.70 -8.46 20.08
CA PRO C 181 18.43 -9.17 20.24
C PRO C 181 18.41 -10.26 21.33
N SER C 182 19.51 -10.98 21.55
CA SER C 182 19.62 -12.11 22.52
C SER C 182 19.64 -11.59 23.97
N ILE C 183 20.22 -10.41 24.20
CA ILE C 183 20.20 -9.69 25.51
C ILE C 183 18.78 -9.20 25.78
N MET C 184 18.11 -8.64 24.77
CA MET C 184 16.72 -8.13 24.91
C MET C 184 15.80 -9.29 25.32
N LYS C 185 15.87 -10.40 24.58
CA LYS C 185 15.00 -11.60 24.78
C LYS C 185 15.27 -12.25 26.15
N SER C 186 16.52 -12.28 26.62
CA SER C 186 16.87 -12.88 27.94
C SER C 186 16.44 -11.98 29.10
N LEU C 187 16.50 -10.66 28.96
CA LEU C 187 16.35 -9.74 30.13
C LEU C 187 15.00 -8.99 30.17
N MET C 188 14.30 -8.81 29.05
CA MET C 188 13.08 -7.95 29.02
C MET C 188 12.05 -8.48 30.01
N ASP C 189 11.66 -7.63 30.94
CA ASP C 189 10.54 -7.86 31.87
C ASP C 189 9.29 -8.29 31.08
N HIS C 190 8.70 -9.45 31.39
CA HIS C 190 7.39 -9.92 30.87
C HIS C 190 6.47 -10.24 32.05
N THR C 191 6.80 -9.70 33.22
CA THR C 191 6.03 -9.76 34.49
C THR C 191 4.57 -9.46 34.20
N ILE C 192 3.69 -10.03 35.00
CA ILE C 192 2.31 -9.53 35.22
C ILE C 192 2.30 -8.97 36.63
N PRO C 193 2.32 -7.64 36.81
CA PRO C 193 2.60 -7.08 38.15
C PRO C 193 1.54 -7.61 39.15
N GLU C 194 0.25 -7.49 38.77
CA GLU C 194 -0.90 -7.88 39.62
C GLU C 194 -2.09 -8.26 38.76
N VAL C 195 -2.89 -9.18 39.28
CA VAL C 195 -4.00 -9.86 38.56
C VAL C 195 -5.31 -9.46 39.21
N ILE D 5 0.88 -41.04 -2.62
CA ILE D 5 1.51 -42.00 -3.59
C ILE D 5 0.80 -43.37 -3.45
N LYS D 6 0.10 -43.85 -4.49
CA LYS D 6 -0.49 -45.22 -4.58
C LYS D 6 0.56 -46.23 -5.04
N GLN D 7 0.80 -47.28 -4.24
CA GLN D 7 1.79 -48.34 -4.57
C GLN D 7 1.23 -49.12 -5.79
N GLY D 8 2.13 -49.80 -6.51
CA GLY D 8 1.78 -50.45 -7.77
C GLY D 8 1.20 -49.51 -8.84
N ILE D 9 0.47 -50.17 -9.73
CA ILE D 9 0.40 -49.92 -11.17
C ILE D 9 -1.06 -49.74 -11.57
N ARG D 10 -1.37 -48.78 -12.43
CA ARG D 10 -2.70 -48.63 -13.05
C ARG D 10 -2.57 -48.39 -14.56
N GLU D 11 -3.64 -48.71 -15.30
CA GLU D 11 -3.83 -48.37 -16.72
C GLU D 11 -4.49 -47.00 -16.76
N VAL D 12 -4.02 -46.12 -17.63
CA VAL D 12 -4.74 -44.88 -18.01
C VAL D 12 -4.99 -45.01 -19.51
N ILE D 13 -6.19 -44.64 -19.96
CA ILE D 13 -6.62 -44.65 -21.39
C ILE D 13 -6.92 -43.20 -21.75
N LEU D 14 -6.20 -42.61 -22.71
CA LEU D 14 -6.44 -41.23 -23.18
C LEU D 14 -6.45 -41.19 -24.71
N CYS D 15 -6.97 -40.11 -25.27
CA CYS D 15 -7.13 -39.91 -26.73
C CYS D 15 -6.51 -38.56 -27.10
N LYS D 16 -5.68 -38.55 -28.15
CA LYS D 16 -5.00 -37.33 -28.67
C LYS D 16 -6.09 -36.31 -28.96
N ASP D 17 -5.83 -35.02 -28.74
CA ASP D 17 -6.79 -33.93 -29.04
C ASP D 17 -6.85 -33.73 -30.57
N GLN D 18 -7.44 -32.63 -31.02
CA GLN D 18 -7.67 -32.34 -32.46
C GLN D 18 -6.30 -32.17 -33.15
N ASP D 19 -5.27 -31.82 -32.39
CA ASP D 19 -3.92 -31.46 -32.94
C ASP D 19 -2.94 -32.62 -32.77
N GLY D 20 -3.40 -33.80 -32.36
CA GLY D 20 -2.56 -35.02 -32.27
C GLY D 20 -1.70 -35.04 -30.99
N LYS D 21 -2.10 -34.22 -30.00
CA LYS D 21 -1.36 -33.96 -28.75
C LYS D 21 -2.08 -34.65 -27.57
N ILE D 22 -1.31 -35.08 -26.58
CA ILE D 22 -1.86 -35.61 -25.31
C ILE D 22 -1.41 -34.71 -24.16
N GLY D 23 -0.34 -33.93 -24.34
CA GLY D 23 0.11 -32.92 -23.36
C GLY D 23 1.09 -33.48 -22.33
N LEU D 24 2.14 -34.17 -22.82
CA LEU D 24 3.22 -34.85 -22.04
C LEU D 24 4.61 -34.47 -22.56
N ARG D 25 5.59 -34.38 -21.66
CA ARG D 25 7.03 -34.64 -21.94
C ARG D 25 7.54 -35.81 -21.09
N LEU D 26 8.27 -36.72 -21.72
CA LEU D 26 8.85 -37.91 -21.06
C LEU D 26 10.36 -37.77 -20.92
N LYS D 27 10.92 -38.40 -19.89
CA LYS D 27 12.37 -38.33 -19.62
C LYS D 27 12.84 -39.73 -19.23
N SER D 28 13.91 -40.20 -19.87
CA SER D 28 14.71 -41.41 -19.55
C SER D 28 15.50 -41.16 -18.26
N ILE D 29 15.24 -41.94 -17.22
CA ILE D 29 15.97 -41.94 -15.92
C ILE D 29 16.23 -43.40 -15.55
N ASP D 30 17.50 -43.83 -15.42
CA ASP D 30 17.82 -45.15 -14.81
C ASP D 30 17.10 -46.30 -15.57
N ASN D 31 17.05 -46.20 -16.91
CA ASN D 31 16.49 -47.20 -17.87
C ASN D 31 14.98 -47.35 -17.69
N GLY D 32 14.37 -46.28 -17.18
CA GLY D 32 12.91 -46.08 -17.03
C GLY D 32 12.48 -44.86 -17.80
N ILE D 33 11.18 -44.69 -17.94
CA ILE D 33 10.59 -43.50 -18.57
C ILE D 33 9.72 -42.80 -17.52
N PHE D 34 9.89 -41.50 -17.38
CA PHE D 34 9.18 -40.69 -16.36
C PHE D 34 8.56 -39.48 -17.03
N VAL D 35 7.46 -39.00 -16.44
CA VAL D 35 6.75 -37.77 -16.86
C VAL D 35 7.50 -36.58 -16.26
N GLN D 36 7.96 -35.73 -17.16
CA GLN D 36 8.74 -34.49 -16.87
C GLN D 36 7.82 -33.28 -16.96
N LEU D 37 6.76 -33.39 -17.74
CA LEU D 37 5.73 -32.32 -17.80
C LEU D 37 4.36 -32.91 -18.10
N VAL D 38 3.37 -32.36 -17.41
CA VAL D 38 1.94 -32.57 -17.76
C VAL D 38 1.39 -31.18 -18.08
N GLN D 39 0.77 -31.07 -19.25
CA GLN D 39 0.18 -29.80 -19.75
C GLN D 39 -1.21 -29.59 -19.15
N ALA D 40 -1.43 -28.37 -18.67
CA ALA D 40 -2.73 -27.89 -18.14
C ALA D 40 -3.84 -28.10 -19.20
N ASN D 41 -4.94 -28.74 -18.82
CA ASN D 41 -6.18 -28.89 -19.63
C ASN D 41 -5.88 -29.78 -20.83
N SER D 42 -4.95 -30.70 -20.67
CA SER D 42 -4.49 -31.63 -21.74
C SER D 42 -5.19 -32.96 -21.50
N PRO D 43 -5.33 -33.83 -22.52
CA PRO D 43 -5.79 -35.18 -22.23
C PRO D 43 -5.03 -35.87 -21.09
N ALA D 44 -3.72 -35.63 -21.02
CA ALA D 44 -2.84 -36.17 -19.97
C ALA D 44 -3.37 -35.74 -18.58
N SER D 45 -3.55 -34.45 -18.33
CA SER D 45 -4.02 -33.92 -17.03
C SER D 45 -5.43 -34.49 -16.75
N LEU D 46 -6.35 -34.38 -17.72
CA LEU D 46 -7.78 -34.78 -17.54
C LEU D 46 -7.85 -36.25 -17.08
N VAL D 47 -6.94 -37.14 -17.50
CA VAL D 47 -6.97 -38.56 -17.04
C VAL D 47 -6.07 -38.71 -15.80
N GLY D 48 -5.49 -37.63 -15.28
CA GLY D 48 -4.80 -37.69 -13.97
C GLY D 48 -3.37 -38.21 -14.03
N LEU D 49 -2.66 -38.01 -15.14
CA LEU D 49 -1.19 -38.20 -15.20
C LEU D 49 -0.54 -37.06 -14.42
N ARG D 50 0.60 -37.35 -13.81
CA ARG D 50 1.35 -36.39 -12.96
C ARG D 50 2.84 -36.43 -13.21
N PHE D 51 3.43 -35.25 -13.12
CA PHE D 51 4.86 -35.05 -12.94
C PHE D 51 5.38 -36.16 -12.03
N GLY D 52 6.45 -36.84 -12.46
CA GLY D 52 7.12 -37.92 -11.69
C GLY D 52 6.57 -39.32 -11.97
N ASP D 53 5.39 -39.41 -12.58
CA ASP D 53 4.82 -40.74 -12.88
C ASP D 53 5.82 -41.53 -13.71
N GLN D 54 5.88 -42.85 -13.51
CA GLN D 54 6.69 -43.77 -14.35
C GLN D 54 5.79 -44.41 -15.41
N VAL D 55 6.21 -44.33 -16.67
CA VAL D 55 5.50 -45.02 -17.79
C VAL D 55 6.16 -46.40 -18.01
N LEU D 56 5.47 -47.45 -17.60
CA LEU D 56 5.93 -48.86 -17.73
C LEU D 56 5.72 -49.38 -19.16
N GLN D 57 4.52 -49.15 -19.69
CA GLN D 57 4.12 -49.58 -21.04
C GLN D 57 3.38 -48.43 -21.73
N ILE D 58 3.51 -48.39 -23.06
CA ILE D 58 2.66 -47.61 -23.99
C ILE D 58 2.09 -48.61 -24.99
N ASN D 59 0.75 -48.67 -25.07
CA ASN D 59 -0.04 -49.61 -25.88
C ASN D 59 0.54 -51.01 -25.76
N GLY D 60 0.83 -51.43 -24.52
CA GLY D 60 1.27 -52.81 -24.21
C GLY D 60 2.73 -53.06 -24.48
N GLU D 61 3.50 -52.09 -24.97
CA GLU D 61 4.97 -52.25 -25.18
C GLU D 61 5.74 -51.68 -23.99
N ASN D 62 6.75 -52.40 -23.52
CA ASN D 62 7.59 -52.00 -22.36
C ASN D 62 8.47 -50.80 -22.72
N CYS D 63 8.52 -49.75 -21.90
CA CYS D 63 9.33 -48.53 -22.14
C CYS D 63 10.77 -48.70 -21.67
N ALA D 64 11.11 -49.83 -21.04
CA ALA D 64 12.41 -50.07 -20.37
C ALA D 64 13.55 -49.83 -21.37
N GLY D 65 14.47 -48.92 -21.04
CA GLY D 65 15.71 -48.69 -21.80
C GLY D 65 15.51 -47.73 -22.94
N TRP D 66 14.30 -47.20 -23.12
CA TRP D 66 13.95 -46.25 -24.22
C TRP D 66 14.60 -44.91 -23.91
N SER D 67 15.11 -44.24 -24.93
CA SER D 67 15.59 -42.84 -24.82
C SER D 67 14.33 -41.98 -24.71
N SER D 68 14.42 -40.73 -24.27
CA SER D 68 13.34 -39.72 -24.32
C SER D 68 12.75 -39.63 -25.73
N ASP D 69 13.62 -39.48 -26.75
CA ASP D 69 13.26 -39.33 -28.18
C ASP D 69 12.42 -40.54 -28.58
N LYS D 70 12.89 -41.76 -28.28
CA LYS D 70 12.09 -42.94 -28.65
C LYS D 70 10.71 -42.84 -28.00
N ALA D 71 10.60 -42.48 -26.72
CA ALA D 71 9.29 -42.52 -26.02
C ALA D 71 8.34 -41.55 -26.73
N HIS D 72 8.85 -40.34 -26.98
CA HIS D 72 8.14 -39.30 -27.75
C HIS D 72 7.76 -39.86 -29.13
N LYS D 73 8.67 -40.60 -29.78
CA LYS D 73 8.43 -41.05 -31.18
C LYS D 73 7.24 -42.01 -31.19
N VAL D 74 7.23 -42.93 -30.22
CA VAL D 74 6.21 -44.00 -30.11
C VAL D 74 4.85 -43.33 -29.83
N LEU D 75 4.84 -42.21 -29.10
CA LEU D 75 3.55 -41.56 -28.75
C LEU D 75 3.01 -40.82 -29.99
N LYS D 76 3.89 -40.06 -30.67
CA LYS D 76 3.56 -39.34 -31.93
C LYS D 76 3.00 -40.33 -32.95
N GLN D 77 3.72 -41.44 -33.18
CA GLN D 77 3.31 -42.47 -34.18
C GLN D 77 2.10 -43.36 -33.80
N ALA D 78 1.68 -43.32 -32.53
CA ALA D 78 0.52 -44.07 -31.98
C ALA D 78 -0.74 -43.67 -32.75
N PHE D 79 -1.18 -44.53 -33.68
CA PHE D 79 -2.45 -44.34 -34.43
C PHE D 79 -3.45 -45.38 -33.90
N GLY D 80 -4.66 -44.89 -33.58
CA GLY D 80 -5.69 -45.65 -32.86
C GLY D 80 -6.63 -44.70 -32.16
N GLU D 81 -7.76 -45.22 -31.65
CA GLU D 81 -8.85 -44.43 -31.02
C GLU D 81 -8.45 -44.06 -29.59
N LYS D 82 -7.64 -44.92 -28.98
CA LYS D 82 -7.19 -44.81 -27.56
C LYS D 82 -5.72 -45.23 -27.44
N ILE D 83 -4.98 -44.49 -26.62
CA ILE D 83 -3.59 -44.86 -26.17
C ILE D 83 -3.76 -45.35 -24.72
N THR D 84 -3.25 -46.55 -24.42
CA THR D 84 -3.18 -47.13 -23.06
C THR D 84 -1.76 -46.95 -22.52
N MET D 85 -1.63 -46.60 -21.23
CA MET D 85 -0.32 -46.43 -20.57
C MET D 85 -0.48 -47.11 -19.22
N THR D 86 0.53 -47.91 -18.86
CA THR D 86 0.67 -48.54 -17.55
C THR D 86 1.58 -47.63 -16.73
N ILE D 87 1.03 -47.05 -15.67
CA ILE D 87 1.62 -46.01 -14.80
C ILE D 87 1.96 -46.63 -13.43
N ARG D 88 3.19 -46.40 -12.97
CA ARG D 88 3.54 -46.54 -11.56
C ARG D 88 3.54 -45.13 -10.98
N ASP D 89 2.80 -44.93 -9.90
CA ASP D 89 2.56 -43.59 -9.30
C ASP D 89 3.85 -43.02 -8.71
N ARG D 90 4.30 -41.88 -9.24
CA ARG D 90 5.34 -40.97 -8.66
C ARG D 90 6.33 -41.72 -7.76
N PRO D 91 7.12 -42.67 -8.31
CA PRO D 91 7.95 -43.56 -7.51
C PRO D 91 9.17 -42.91 -6.86
N PHE D 92 9.58 -41.74 -7.29
CA PHE D 92 10.78 -41.08 -6.74
C PHE D 92 10.40 -40.10 -5.63
N GLU D 93 9.10 -39.96 -5.36
CA GLU D 93 8.49 -38.90 -4.50
C GLU D 93 7.83 -39.52 -3.26
N ARG D 94 7.57 -38.71 -2.23
CA ARG D 94 6.89 -39.16 -1.00
C ARG D 94 6.11 -37.96 -0.44
N THR D 95 5.10 -38.23 0.38
CA THR D 95 4.30 -37.14 0.99
C THR D 95 4.58 -37.14 2.48
N ILE D 96 4.74 -35.96 3.03
CA ILE D 96 4.88 -35.70 4.48
C ILE D 96 3.64 -34.88 4.85
N THR D 97 2.91 -35.29 5.88
CA THR D 97 1.78 -34.54 6.44
C THR D 97 2.26 -33.79 7.68
N MET D 98 1.96 -32.49 7.73
CA MET D 98 2.35 -31.54 8.78
C MET D 98 1.11 -30.77 9.20
N HIS D 99 1.16 -30.16 10.38
CA HIS D 99 0.08 -29.38 11.04
C HIS D 99 0.65 -27.99 11.32
N LYS D 100 -0.02 -26.95 10.87
CA LYS D 100 0.47 -25.55 11.06
C LYS D 100 0.54 -25.25 12.57
N ASP D 101 1.55 -24.52 13.01
CA ASP D 101 1.59 -24.05 14.42
C ASP D 101 0.57 -22.91 14.59
N SER D 102 0.58 -22.24 15.75
CA SER D 102 -0.34 -21.14 16.14
C SER D 102 -0.22 -19.94 15.17
N THR D 103 0.95 -19.77 14.57
CA THR D 103 1.27 -18.66 13.64
C THR D 103 1.19 -19.09 12.15
N GLY D 104 0.62 -20.26 11.83
CA GLY D 104 0.42 -20.73 10.45
C GLY D 104 1.68 -21.33 9.78
N HIS D 105 2.73 -21.68 10.53
CA HIS D 105 3.99 -22.24 9.97
C HIS D 105 4.06 -23.72 10.29
N VAL D 106 4.69 -24.48 9.40
CA VAL D 106 4.93 -25.93 9.59
C VAL D 106 6.40 -26.16 9.96
N GLY D 107 7.30 -25.21 9.70
CA GLY D 107 8.68 -25.23 10.23
C GLY D 107 9.75 -25.65 9.21
N PHE D 108 9.86 -24.94 8.10
CA PHE D 108 11.01 -25.13 7.20
C PHE D 108 11.26 -23.91 6.33
N ILE D 109 12.47 -23.83 5.79
CA ILE D 109 12.98 -22.79 4.85
C ILE D 109 13.26 -23.49 3.52
N PHE D 110 12.89 -22.87 2.42
CA PHE D 110 13.20 -23.42 1.08
C PHE D 110 13.62 -22.28 0.16
N LYS D 111 14.39 -22.62 -0.86
CA LYS D 111 14.86 -21.69 -1.92
C LYS D 111 14.87 -22.43 -3.27
N ASN D 112 14.45 -21.78 -4.34
CA ASN D 112 14.33 -22.44 -5.67
C ASN D 112 13.56 -23.75 -5.54
N GLY D 113 12.55 -23.79 -4.67
CA GLY D 113 11.71 -24.98 -4.39
C GLY D 113 12.41 -26.06 -3.57
N LYS D 114 13.67 -25.88 -3.20
CA LYS D 114 14.46 -26.92 -2.49
C LYS D 114 14.46 -26.55 -1.01
N ILE D 115 14.00 -27.46 -0.14
CA ILE D 115 14.03 -27.35 1.35
C ILE D 115 15.48 -27.28 1.82
N THR D 116 15.84 -26.25 2.60
CA THR D 116 17.26 -26.00 2.97
C THR D 116 17.45 -26.07 4.49
N SER D 117 16.41 -25.87 5.30
CA SER D 117 16.53 -26.10 6.75
C SER D 117 15.16 -26.44 7.37
N ILE D 118 15.21 -27.06 8.54
CA ILE D 118 14.07 -27.54 9.34
C ILE D 118 14.13 -26.82 10.69
N VAL D 119 13.02 -26.24 11.12
CA VAL D 119 12.94 -25.47 12.39
C VAL D 119 12.86 -26.48 13.54
N LYS D 120 13.73 -26.34 14.54
CA LYS D 120 13.68 -27.11 15.83
C LYS D 120 12.24 -27.17 16.35
N ASP D 121 11.78 -28.39 16.64
CA ASP D 121 10.50 -28.70 17.36
C ASP D 121 9.31 -28.14 16.57
N SER D 122 9.46 -27.99 15.26
CA SER D 122 8.35 -27.78 14.30
C SER D 122 7.70 -29.13 13.98
N SER D 123 6.48 -29.06 13.45
CA SER D 123 5.78 -30.15 12.71
C SER D 123 6.65 -30.75 11.59
N ALA D 124 7.42 -29.95 10.85
CA ALA D 124 8.42 -30.45 9.87
C ALA D 124 9.42 -31.36 10.57
N ALA D 125 9.85 -31.00 11.79
CA ALA D 125 10.79 -31.81 12.62
C ALA D 125 10.14 -33.14 12.97
N ARG D 126 8.98 -33.11 13.64
CA ARG D 126 8.24 -34.27 14.18
C ARG D 126 7.92 -35.26 13.08
N ASN D 127 7.68 -34.79 11.86
CA ASN D 127 7.26 -35.65 10.73
C ASN D 127 8.47 -36.00 9.84
N GLY D 128 9.69 -35.60 10.24
CA GLY D 128 10.97 -35.91 9.54
C GLY D 128 11.02 -35.44 8.09
N LEU D 129 10.59 -34.23 7.80
CA LEU D 129 10.90 -33.57 6.52
C LEU D 129 12.41 -33.50 6.42
N LEU D 130 12.92 -33.67 5.21
CA LEU D 130 14.36 -33.68 4.87
C LEU D 130 14.72 -32.43 4.09
N THR D 131 15.99 -32.02 4.18
CA THR D 131 16.61 -30.97 3.33
C THR D 131 17.14 -31.62 2.05
N GLU D 132 17.58 -30.78 1.14
CA GLU D 132 18.07 -31.23 -0.17
C GLU D 132 16.97 -32.06 -0.86
N HIS D 133 15.70 -31.67 -0.65
CA HIS D 133 14.51 -32.28 -1.31
C HIS D 133 13.76 -31.14 -1.99
N ASN D 134 13.33 -31.36 -3.23
CA ASN D 134 12.49 -30.41 -4.01
C ASN D 134 11.01 -30.68 -3.74
N ILE D 135 10.28 -29.59 -3.47
CA ILE D 135 8.81 -29.58 -3.35
C ILE D 135 8.22 -29.75 -4.76
N CYS D 136 7.53 -30.85 -4.97
CA CYS D 136 6.83 -31.17 -6.22
C CYS D 136 5.36 -30.80 -6.09
N GLU D 137 4.74 -31.00 -4.92
CA GLU D 137 3.29 -30.76 -4.79
C GLU D 137 3.01 -30.30 -3.37
N ILE D 138 1.93 -29.52 -3.25
CA ILE D 138 1.33 -29.10 -1.97
C ILE D 138 -0.14 -29.45 -2.04
N ASN D 139 -0.56 -30.37 -1.18
CA ASN D 139 -1.93 -30.93 -1.13
C ASN D 139 -2.33 -31.43 -2.51
N GLY D 140 -1.46 -32.19 -3.16
CA GLY D 140 -1.81 -32.82 -4.45
C GLY D 140 -1.64 -31.86 -5.62
N GLN D 141 -1.39 -30.58 -5.33
CA GLN D 141 -1.23 -29.55 -6.37
C GLN D 141 0.24 -29.38 -6.77
N ASN D 142 0.49 -29.55 -8.07
CA ASN D 142 1.83 -29.43 -8.74
C ASN D 142 2.27 -27.98 -8.65
N VAL D 143 3.42 -27.71 -8.03
CA VAL D 143 3.98 -26.34 -7.88
C VAL D 143 5.33 -26.24 -8.61
N ILE D 144 5.61 -27.15 -9.53
CA ILE D 144 6.89 -27.15 -10.26
C ILE D 144 6.93 -26.01 -11.29
N GLY D 145 7.99 -25.22 -11.22
CA GLY D 145 8.21 -24.01 -12.03
C GLY D 145 7.63 -22.75 -11.40
N LEU D 146 6.86 -22.84 -10.33
CA LEU D 146 6.33 -21.62 -9.66
C LEU D 146 7.49 -20.94 -8.96
N LYS D 147 7.41 -19.63 -8.73
CA LYS D 147 8.36 -18.86 -7.89
C LYS D 147 8.15 -19.24 -6.42
N ASP D 148 9.15 -19.01 -5.58
CA ASP D 148 9.10 -19.23 -4.11
C ASP D 148 7.86 -18.52 -3.56
N SER D 149 7.57 -17.30 -4.03
CA SER D 149 6.49 -16.48 -3.41
C SER D 149 5.19 -17.22 -3.67
N GLN D 150 5.05 -17.76 -4.86
CA GLN D 150 3.79 -18.48 -5.22
C GLN D 150 3.68 -19.73 -4.33
N ILE D 151 4.78 -20.46 -4.13
CA ILE D 151 4.79 -21.69 -3.30
C ILE D 151 4.42 -21.28 -1.87
N ALA D 152 5.08 -20.23 -1.34
CA ALA D 152 4.76 -19.64 -0.01
C ALA D 152 3.24 -19.39 0.13
N ASP D 153 2.62 -18.80 -0.89
N ASP D 153 2.62 -18.81 -0.89
CA ASP D 153 1.18 -18.38 -0.87
CA ASP D 153 1.18 -18.38 -0.87
C ASP D 153 0.30 -19.63 -0.85
C ASP D 153 0.29 -19.63 -0.86
N ILE D 154 0.64 -20.64 -1.65
CA ILE D 154 -0.09 -21.94 -1.70
C ILE D 154 0.03 -22.64 -0.35
N LEU D 155 1.18 -22.58 0.34
CA LEU D 155 1.33 -23.18 1.71
C LEU D 155 0.35 -22.47 2.66
N SER D 156 0.21 -21.16 2.55
CA SER D 156 -0.52 -20.31 3.50
C SER D 156 -2.04 -20.45 3.29
N THR D 157 -2.49 -20.78 2.07
CA THR D 157 -3.93 -20.98 1.77
C THR D 157 -4.33 -22.43 2.03
N SER D 158 -3.37 -23.29 2.39
CA SER D 158 -3.68 -24.66 2.86
C SER D 158 -4.51 -24.55 4.14
N GLY D 159 -5.34 -25.55 4.42
CA GLY D 159 -5.87 -25.76 5.78
C GLY D 159 -4.71 -26.07 6.74
N THR D 160 -5.05 -26.33 8.00
CA THR D 160 -4.12 -26.59 9.13
C THR D 160 -3.25 -27.78 8.76
N VAL D 161 -3.87 -28.79 8.17
CA VAL D 161 -3.18 -30.02 7.71
C VAL D 161 -2.59 -29.77 6.32
N VAL D 162 -1.25 -29.75 6.20
CA VAL D 162 -0.48 -29.45 4.98
C VAL D 162 0.24 -30.74 4.55
N THR D 163 -0.05 -31.29 3.36
CA THR D 163 0.72 -32.41 2.79
C THR D 163 1.71 -31.84 1.75
N ILE D 164 2.99 -32.17 1.82
CA ILE D 164 3.86 -31.85 0.68
C ILE D 164 4.42 -33.13 0.07
N THR D 165 4.54 -33.14 -1.24
CA THR D 165 5.19 -34.21 -2.00
C THR D 165 6.60 -33.72 -2.30
N ILE D 166 7.59 -34.49 -1.86
CA ILE D 166 9.04 -34.15 -2.09
C ILE D 166 9.71 -35.24 -2.90
N MET D 167 10.88 -34.85 -3.44
CA MET D 167 11.79 -35.65 -4.30
C MET D 167 13.21 -35.23 -3.93
N PRO D 168 14.13 -36.20 -3.74
CA PRO D 168 15.54 -35.89 -3.52
C PRO D 168 16.01 -34.99 -4.66
N ALA D 169 16.82 -33.96 -4.35
CA ALA D 169 17.19 -32.83 -5.22
C ALA D 169 17.93 -33.32 -6.45
N PHE D 170 18.83 -34.29 -6.29
N PHE D 170 18.77 -34.35 -6.29
CA PHE D 170 19.62 -34.88 -7.40
CA PHE D 170 19.64 -34.91 -7.35
C PHE D 170 18.67 -35.46 -8.45
C PHE D 170 18.80 -35.64 -8.40
N ILE D 171 17.63 -36.17 -8.01
CA ILE D 171 16.71 -36.87 -8.95
C ILE D 171 15.87 -35.82 -9.67
N PHE D 172 15.40 -34.84 -8.91
CA PHE D 172 14.63 -33.71 -9.44
C PHE D 172 15.42 -33.02 -10.55
N GLU D 173 16.64 -32.58 -10.24
CA GLU D 173 17.55 -31.91 -11.23
C GLU D 173 17.67 -32.80 -12.45
N HIS D 174 17.75 -34.11 -12.27
CA HIS D 174 17.90 -35.04 -13.43
C HIS D 174 16.63 -35.05 -14.28
N ILE D 175 15.43 -35.08 -13.66
CA ILE D 175 14.14 -35.21 -14.39
C ILE D 175 13.87 -33.92 -15.17
N ILE D 176 14.17 -32.74 -14.61
CA ILE D 176 13.90 -31.44 -15.30
C ILE D 176 14.92 -31.19 -16.43
N LYS D 177 16.06 -31.90 -16.45
CA LYS D 177 17.06 -31.74 -17.55
C LYS D 177 16.40 -31.95 -18.93
N ARG D 178 16.83 -31.22 -19.96
CA ARG D 178 16.32 -31.30 -21.37
C ARG D 178 14.86 -30.82 -21.42
N MET D 179 14.54 -29.72 -20.73
CA MET D 179 13.21 -29.04 -20.70
C MET D 179 13.44 -27.55 -20.46
N ALA D 180 13.06 -26.71 -21.42
CA ALA D 180 13.30 -25.26 -21.38
C ALA D 180 12.55 -24.69 -20.18
N PRO D 181 13.23 -23.97 -19.27
CA PRO D 181 12.52 -23.30 -18.18
C PRO D 181 11.21 -22.63 -18.56
N SER D 182 11.07 -22.17 -19.81
CA SER D 182 9.92 -21.34 -20.26
C SER D 182 8.77 -22.27 -20.64
N ILE D 183 9.11 -23.52 -20.99
CA ILE D 183 8.10 -24.60 -21.20
C ILE D 183 7.56 -25.01 -19.82
N MET D 184 8.46 -25.30 -18.88
CA MET D 184 8.14 -25.70 -17.48
C MET D 184 7.30 -24.60 -16.81
N LYS D 185 7.68 -23.33 -16.98
CA LYS D 185 6.96 -22.18 -16.38
C LYS D 185 5.61 -21.91 -17.09
N SER D 186 5.48 -22.10 -18.41
CA SER D 186 4.21 -21.72 -19.07
C SER D 186 3.22 -22.89 -19.17
N LEU D 187 3.66 -24.16 -19.22
CA LEU D 187 2.78 -25.28 -19.66
C LEU D 187 2.41 -26.20 -18.48
N MET D 188 3.23 -26.24 -17.43
CA MET D 188 3.08 -27.25 -16.34
C MET D 188 1.70 -27.03 -15.70
N ASP D 189 0.95 -28.13 -15.62
CA ASP D 189 -0.34 -28.29 -14.90
C ASP D 189 -0.23 -27.90 -13.42
N HIS D 190 -1.06 -26.97 -12.95
CA HIS D 190 -1.10 -26.47 -11.55
C HIS D 190 -2.55 -26.51 -11.06
N THR D 191 -3.38 -27.37 -11.66
CA THR D 191 -4.85 -27.36 -11.42
C THR D 191 -5.18 -28.07 -10.10
N ILE D 192 -6.26 -27.66 -9.47
CA ILE D 192 -6.74 -28.36 -8.24
C ILE D 192 -8.16 -28.79 -8.59
N PRO D 193 -8.76 -29.77 -7.89
CA PRO D 193 -10.08 -30.25 -8.28
C PRO D 193 -11.18 -29.19 -8.02
N GLU D 194 -11.05 -28.36 -6.99
CA GLU D 194 -12.00 -27.28 -6.61
C GLU D 194 -11.32 -26.36 -5.60
N VAL D 195 -11.81 -25.12 -5.43
CA VAL D 195 -11.45 -24.25 -4.27
C VAL D 195 -12.50 -24.47 -3.15
#